data_4DAQ
# 
_entry.id   4DAQ 
# 
_audit_conform.dict_name       mmcif_pdbx.dic 
_audit_conform.dict_version    5.379 
_audit_conform.dict_location   http://mmcif.pdb.org/dictionaries/ascii/mmcif_pdbx.dic 
# 
loop_
_database_2.database_id 
_database_2.database_code 
_database_2.pdbx_database_accession 
_database_2.pdbx_DOI 
PDB   4DAQ         pdb_00004daq 10.2210/pdb4daq/pdb 
NDB   NA1556       ?            ?                   
RCSB  RCSB070094   ?            ?                   
WWPDB D_1000070094 ?            ?                   
# 
loop_
_pdbx_database_related.db_name 
_pdbx_database_related.db_id 
_pdbx_database_related.details 
_pdbx_database_related.content_type 
PDB 4DA3 'Similar naphthalene diimide compound bound to the same 21-mer human telomeric G-quadruplex.' unspecified 
PDB 3SC8 'Same naphthalene diimide compound bound to a 22-mer human telomeric G-quadruplex.'           unspecified 
PDB 3UYH 'Similar naphthalene diimide compound bound to a 22-mer human telomeric G-quadruplex.'        unspecified 
PDB 3T5E 'Similar naphthalene diimide compound bound to a 22-mer human telomeric G-quadruplex.'        unspecified 
# 
_pdbx_database_status.status_code                     REL 
_pdbx_database_status.entry_id                        4DAQ 
_pdbx_database_status.recvd_initial_deposition_date   2012-01-13 
_pdbx_database_status.deposit_site                    RCSB 
_pdbx_database_status.process_site                    RCSB 
_pdbx_database_status.status_code_sf                  REL 
_pdbx_database_status.status_code_mr                  ? 
_pdbx_database_status.SG_entry                        ? 
_pdbx_database_status.status_code_cs                  ? 
_pdbx_database_status.methods_development_category    ? 
_pdbx_database_status.pdb_format_compatible           Y 
_pdbx_database_status.status_code_nmr_data            ? 
# 
loop_
_audit_author.name 
_audit_author.pdbx_ordinal 
'Collie, G.W.' 1 
'Neidle, S.'   2 
# 
_citation.id                        primary 
_citation.title                     
;Structure-based design and evaluation of naphthalene diimide g-quadruplex ligands as telomere targeting agents in pancreatic cancer cells.
;
_citation.journal_abbrev            J.Med.Chem. 
_citation.journal_volume            56 
_citation.page_first                2959 
_citation.page_last                 2974 
_citation.year                      2013 
_citation.journal_id_ASTM           JMCMAR 
_citation.country                   US 
_citation.journal_id_ISSN           0022-2623 
_citation.journal_id_CSD            0151 
_citation.book_publisher            ? 
_citation.pdbx_database_id_PubMed   23514618 
_citation.pdbx_database_id_DOI      10.1021/jm301899y 
# 
loop_
_citation_author.citation_id 
_citation_author.name 
_citation_author.ordinal 
_citation_author.identifier_ORCID 
primary 'Micco, M.'      1 ? 
primary 'Collie, G.W.'   2 ? 
primary 'Dale, A.G.'     3 ? 
primary 'Ohnmacht, S.A.' 4 ? 
primary 'Pazitna, I.'    5 ? 
primary 'Gunaratnam, M.' 6 ? 
primary 'Reszka, A.P.'   7 ? 
primary 'Neidle, S.'     8 ? 
# 
_cell.entry_id           4DAQ 
_cell.length_a           50.510 
_cell.length_b           50.510 
_cell.length_c           51.720 
_cell.angle_alpha        90.00 
_cell.angle_beta         90.00 
_cell.angle_gamma        120.00 
_cell.Z_PDB              6 
_cell.pdbx_unique_axis   ? 
_cell.length_a_esd       ? 
_cell.length_b_esd       ? 
_cell.length_c_esd       ? 
_cell.angle_alpha_esd    ? 
_cell.angle_beta_esd     ? 
_cell.angle_gamma_esd    ? 
# 
_symmetry.entry_id                         4DAQ 
_symmetry.space_group_name_H-M             'P 31 2 1' 
_symmetry.pdbx_full_space_group_name_H-M   ? 
_symmetry.cell_setting                     ? 
_symmetry.Int_Tables_number                152 
_symmetry.space_group_name_Hall            ? 
# 
loop_
_entity.id 
_entity.type 
_entity.src_method 
_entity.pdbx_description 
_entity.formula_weight 
_entity.pdbx_number_of_molecules 
_entity.pdbx_ec 
_entity.pdbx_mutation 
_entity.pdbx_fragment 
_entity.details 
1 polymer     syn 
;DNA (5'-D(*GP*GP*GP*TP*TP*AP*GP*GP*GP*TP*TP*AP*GP*GP*GP*TP*TP*AP*GP*GP*G)-3')
;
6670.290 1 ? ? ? ? 
2 non-polymer syn 'POTASSIUM ION' 39.098   3 ? ? ? ? 
3 non-polymer syn 
;2,7-bis[3-(4-methylpiperazin-1-yl)propyl]-4,9-bis{[3-(4-methylpiperazin-1-yl)propyl]amino}benzo[lmn][3,8]phenanthroline-1,3,6,8(2H,7H)-tetrone
;
857.142  1 ? ? ? ? 
4 water       nat water 18.015   8 ? ? ? ? 
# 
_entity_poly.entity_id                      1 
_entity_poly.type                           polydeoxyribonucleotide 
_entity_poly.nstd_linkage                   no 
_entity_poly.nstd_monomer                   no 
_entity_poly.pdbx_seq_one_letter_code       
;(DG)(DG)(DG)(DT)(DT)(DA)(DG)(DG)(DG)(DT)(DT)(DA)(DG)(DG)(DG)(DT)(DT)(DA)(DG)(DG)
(DG)
;
_entity_poly.pdbx_seq_one_letter_code_can   GGGTTAGGGTTAGGGTTAGGG 
_entity_poly.pdbx_strand_id                 A 
_entity_poly.pdbx_target_identifier         ? 
# 
loop_
_entity_poly_seq.entity_id 
_entity_poly_seq.num 
_entity_poly_seq.mon_id 
_entity_poly_seq.hetero 
1 1  DG n 
1 2  DG n 
1 3  DG n 
1 4  DT n 
1 5  DT n 
1 6  DA n 
1 7  DG n 
1 8  DG n 
1 9  DG n 
1 10 DT n 
1 11 DT n 
1 12 DA n 
1 13 DG n 
1 14 DG n 
1 15 DG n 
1 16 DT n 
1 17 DT n 
1 18 DA n 
1 19 DG n 
1 20 DG n 
1 21 DG n 
# 
_pdbx_entity_src_syn.entity_id              1 
_pdbx_entity_src_syn.pdbx_src_id            1 
_pdbx_entity_src_syn.pdbx_alt_source_flag   sample 
_pdbx_entity_src_syn.pdbx_beg_seq_num       ? 
_pdbx_entity_src_syn.pdbx_end_seq_num       ? 
_pdbx_entity_src_syn.organism_scientific    'Synthetic DNA' 
_pdbx_entity_src_syn.organism_common_name   ? 
_pdbx_entity_src_syn.ncbi_taxonomy_id       32630 
_pdbx_entity_src_syn.details                'DNA synthesized by standard phosphoramidite chemistry.' 
# 
_struct_ref.id                         1 
_struct_ref.db_name                    PDB 
_struct_ref.db_code                    4DAQ 
_struct_ref.pdbx_db_accession          4DAQ 
_struct_ref.entity_id                  1 
_struct_ref.pdbx_align_begin           1 
_struct_ref.pdbx_seq_one_letter_code   GGGTTAGGGTTAGGGTTAGGG 
_struct_ref.pdbx_db_isoform            ? 
# 
_struct_ref_seq.align_id                      1 
_struct_ref_seq.ref_id                        1 
_struct_ref_seq.pdbx_PDB_id_code              4DAQ 
_struct_ref_seq.pdbx_strand_id                A 
_struct_ref_seq.seq_align_beg                 1 
_struct_ref_seq.pdbx_seq_align_beg_ins_code   ? 
_struct_ref_seq.seq_align_end                 21 
_struct_ref_seq.pdbx_seq_align_end_ins_code   ? 
_struct_ref_seq.pdbx_db_accession             4DAQ 
_struct_ref_seq.db_align_beg                  1 
_struct_ref_seq.pdbx_db_align_beg_ins_code    ? 
_struct_ref_seq.db_align_end                  21 
_struct_ref_seq.pdbx_db_align_end_ins_code    ? 
_struct_ref_seq.pdbx_auth_seq_align_beg       1 
_struct_ref_seq.pdbx_auth_seq_align_end       21 
# 
loop_
_chem_comp.id 
_chem_comp.type 
_chem_comp.mon_nstd_flag 
_chem_comp.name 
_chem_comp.pdbx_synonyms 
_chem_comp.formula 
_chem_comp.formula_weight 
DA  'DNA linking' y "2'-DEOXYADENOSINE-5'-MONOPHOSPHATE" ? 'C10 H14 N5 O6 P' 331.222 
DG  'DNA linking' y "2'-DEOXYGUANOSINE-5'-MONOPHOSPHATE" ? 'C10 H14 N5 O7 P' 347.221 
DT  'DNA linking' y "THYMIDINE-5'-MONOPHOSPHATE" ? 'C10 H15 N2 O8 P' 322.208 
HOH non-polymer   . WATER ? 'H2 O'            18.015  
K   non-polymer   . 'POTASSIUM ION' ? 'K 1'             39.098  
R8G non-polymer   . 
;2,7-bis[3-(4-methylpiperazin-1-yl)propyl]-4,9-bis{[3-(4-methylpiperazin-1-yl)propyl]amino}benzo[lmn][3,8]phenanthroline-1,3,6,8(2H,7H)-tetrone
;
? 'C46 H72 N12 O4'  857.142 
# 
_exptl.entry_id          4DAQ 
_exptl.method            'X-RAY DIFFRACTION' 
_exptl.crystals_number   1 
# 
_exptl_crystal.id                    1 
_exptl_crystal.density_meas          ? 
_exptl_crystal.density_Matthews      2.86 
_exptl_crystal.density_percent_sol   56.92 
_exptl_crystal.description           ? 
_exptl_crystal.F_000                 ? 
_exptl_crystal.preparation           ? 
# 
_exptl_crystal_grow.crystal_id      1 
_exptl_crystal_grow.method          'VAPOR DIFFUSION, HANGING DROP' 
_exptl_crystal_grow.temp            285 
_exptl_crystal_grow.temp_details    ? 
_exptl_crystal_grow.pH              6.5 
_exptl_crystal_grow.pdbx_details    
'15% PEG400, 150 mM sodium chloride and 50 mM sodium cacodylate (pH 6.5), VAPOR DIFFUSION, HANGING DROP, temperature 285K' 
_exptl_crystal_grow.pdbx_pH_range   ? 
# 
_diffrn.id                     1 
_diffrn.ambient_temp           100 
_diffrn.ambient_temp_details   ? 
_diffrn.crystal_id             1 
# 
_diffrn_detector.diffrn_id              1 
_diffrn_detector.detector               CCD 
_diffrn_detector.type                   'ADSC QUANTUM 315r' 
_diffrn_detector.pdbx_collection_date   2011-12-16 
_diffrn_detector.details                ? 
# 
_diffrn_radiation.diffrn_id                        1 
_diffrn_radiation.wavelength_id                    1 
_diffrn_radiation.pdbx_monochromatic_or_laue_m_l   M 
_diffrn_radiation.monochromator                    'Si 111 CHANNEL' 
_diffrn_radiation.pdbx_diffrn_protocol             'SINGLE WAVELENGTH' 
_diffrn_radiation.pdbx_scattering_type             x-ray 
# 
_diffrn_radiation_wavelength.id           1 
_diffrn_radiation_wavelength.wavelength   0.9795 
_diffrn_radiation_wavelength.wt           1.0 
# 
_diffrn_source.diffrn_id                   1 
_diffrn_source.source                      SYNCHROTRON 
_diffrn_source.type                        'DIAMOND BEAMLINE I04' 
_diffrn_source.pdbx_synchrotron_site       Diamond 
_diffrn_source.pdbx_synchrotron_beamline   I04 
_diffrn_source.pdbx_wavelength             ? 
_diffrn_source.pdbx_wavelength_list        0.9795 
# 
_reflns.entry_id                     4DAQ 
_reflns.observed_criterion_sigma_I   2 
_reflns.observed_criterion_sigma_F   2 
_reflns.d_resolution_low             25.86 
_reflns.d_resolution_high            2.69 
_reflns.number_obs                   2284 
_reflns.number_all                   2284 
_reflns.percent_possible_obs         99.2 
_reflns.pdbx_Rmerge_I_obs            0.047 
_reflns.pdbx_Rsym_value              ? 
_reflns.pdbx_netI_over_sigmaI        24.8 
_reflns.B_iso_Wilson_estimate        91.91 
_reflns.pdbx_redundancy              7.3 
_reflns.R_free_details               ? 
_reflns.limit_h_max                  ? 
_reflns.limit_h_min                  ? 
_reflns.limit_k_max                  ? 
_reflns.limit_k_min                  ? 
_reflns.limit_l_max                  ? 
_reflns.limit_l_min                  ? 
_reflns.observed_criterion_F_max     ? 
_reflns.observed_criterion_F_min     ? 
_reflns.pdbx_chi_squared             ? 
_reflns.pdbx_scaling_rejects         ? 
_reflns.pdbx_ordinal                 1 
_reflns.pdbx_diffrn_id               1 
# 
_reflns_shell.d_res_high             2.69 
_reflns_shell.d_res_low              2.76 
_reflns_shell.percent_possible_all   100 
_reflns_shell.Rmerge_I_obs           0.613 
_reflns_shell.pdbx_Rsym_value        ? 
_reflns_shell.meanI_over_sigI_obs    2.9 
_reflns_shell.pdbx_redundancy        7.7 
_reflns_shell.percent_possible_obs   ? 
_reflns_shell.number_unique_all      168 
_reflns_shell.number_measured_all    ? 
_reflns_shell.number_measured_obs    ? 
_reflns_shell.number_unique_obs      ? 
_reflns_shell.pdbx_chi_squared       ? 
_reflns_shell.pdbx_ordinal           1 
_reflns_shell.pdbx_diffrn_id         1 
# 
_refine.entry_id                                 4DAQ 
_refine.ls_number_reflns_obs                     1995 
_refine.ls_number_reflns_all                     1995 
_refine.pdbx_ls_sigma_I                          ? 
_refine.pdbx_ls_sigma_F                          . 
_refine.pdbx_data_cutoff_high_absF               ? 
_refine.pdbx_data_cutoff_low_absF                ? 
_refine.pdbx_data_cutoff_high_rms_absF           ? 
_refine.ls_d_res_low                             22.69 
_refine.ls_d_res_high                            2.754 
_refine.ls_percent_reflns_obs                    99.02 
_refine.ls_R_factor_obs                          0.21555 
_refine.ls_R_factor_all                          ? 
_refine.ls_R_factor_R_work                       0.21172 
_refine.ls_R_factor_R_free                       0.27531 
_refine.ls_R_factor_R_free_error                 ? 
_refine.ls_R_factor_R_free_error_details         ? 
_refine.ls_percent_reflns_R_free                 5.8 
_refine.ls_number_reflns_R_free                  123 
_refine.ls_number_parameters                     ? 
_refine.ls_number_restraints                     ? 
_refine.occupancy_min                            ? 
_refine.occupancy_max                            ? 
_refine.correlation_coeff_Fo_to_Fc               0.945 
_refine.correlation_coeff_Fo_to_Fc_free          0.913 
_refine.B_iso_mean                               51.950 
_refine.aniso_B[1][1]                            -0.02 
_refine.aniso_B[2][2]                            -0.02 
_refine.aniso_B[3][3]                            0.03 
_refine.aniso_B[1][2]                            -0.01 
_refine.aniso_B[1][3]                            0.00 
_refine.aniso_B[2][3]                            0.00 
_refine.solvent_model_details                    MASK 
_refine.solvent_model_param_ksol                 ? 
_refine.solvent_model_param_bsol                 ? 
_refine.pdbx_solvent_vdw_probe_radii             1.20 
_refine.pdbx_solvent_ion_probe_radii             0.80 
_refine.pdbx_solvent_shrinkage_radii             0.80 
_refine.pdbx_ls_cross_valid_method               THROUGHOUT 
_refine.details                                  'HYDROGENS HAVE BEEN USED IF PRESENT IN THE INPUT' 
_refine.pdbx_starting_model                      'PDB ENTRY 3SC8' 
_refine.pdbx_method_to_determine_struct          'MOLECULAR REPLACEMENT' 
_refine.pdbx_isotropic_thermal_model             ? 
_refine.pdbx_stereochemistry_target_values       'MAXIMUM LIKELIHOOD' 
_refine.pdbx_stereochem_target_val_spec_case     ? 
_refine.pdbx_R_Free_selection_details            RANDOM 
_refine.pdbx_overall_ESU_R                       ? 
_refine.pdbx_overall_ESU_R_Free                  0.395 
_refine.overall_SU_ML                            0.294 
_refine.pdbx_overall_phase_error                 ? 
_refine.overall_SU_B                             15.368 
_refine.overall_SU_R_Cruickshank_DPI             ? 
_refine.ls_redundancy_reflns_obs                 ? 
_refine.B_iso_min                                ? 
_refine.B_iso_max                                ? 
_refine.overall_SU_R_free                        ? 
_refine.ls_wR_factor_R_free                      ? 
_refine.ls_wR_factor_R_work                      ? 
_refine.overall_FOM_free_R_set                   ? 
_refine.overall_FOM_work_R_set                   ? 
_refine.pdbx_diffrn_id                           1 
_refine.pdbx_refine_id                           'X-RAY DIFFRACTION' 
_refine.pdbx_TLS_residual_ADP_flag               ? 
_refine.pdbx_overall_SU_R_free_Cruickshank_DPI   ? 
_refine.pdbx_overall_SU_R_Blow_DPI               ? 
_refine.pdbx_overall_SU_R_free_Blow_DPI          ? 
# 
_refine_hist.pdbx_refine_id                   'X-RAY DIFFRACTION' 
_refine_hist.cycle_id                         LAST 
_refine_hist.pdbx_number_atoms_protein        0 
_refine_hist.pdbx_number_atoms_nucleic_acid   444 
_refine_hist.pdbx_number_atoms_ligand         65 
_refine_hist.number_atoms_solvent             8 
_refine_hist.number_atoms_total               517 
_refine_hist.d_res_high                       2.754 
_refine_hist.d_res_low                        22.69 
# 
loop_
_refine_ls_restr.type 
_refine_ls_restr.dev_ideal 
_refine_ls_restr.dev_ideal_target 
_refine_ls_restr.weight 
_refine_ls_restr.number 
_refine_ls_restr.pdbx_restraint_function 
_refine_ls_restr.pdbx_refine_id 
r_bond_refined_d     0.007 0.012 ? 569 ? 'X-RAY DIFFRACTION' 
r_angle_refined_deg  1.588 1.512 ? 873 ? 'X-RAY DIFFRACTION' 
r_chiral_restr       0.061 0.200 ? 63  ? 'X-RAY DIFFRACTION' 
r_gen_planes_refined 0.008 0.020 ? 261 ? 'X-RAY DIFFRACTION' 
# 
_refine_ls_shell.pdbx_total_number_of_bins_used   20 
_refine_ls_shell.d_res_high                       2.754 
_refine_ls_shell.d_res_low                        2.825 
_refine_ls_shell.number_reflns_R_work             132 
_refine_ls_shell.R_factor_R_work                  0.465 
_refine_ls_shell.percent_reflns_obs               100.00 
_refine_ls_shell.R_factor_R_free                  0.419 
_refine_ls_shell.R_factor_R_free_error            ? 
_refine_ls_shell.percent_reflns_R_free            ? 
_refine_ls_shell.number_reflns_R_free             3 
_refine_ls_shell.number_reflns_all                ? 
_refine_ls_shell.R_factor_all                     ? 
_refine_ls_shell.number_reflns_obs                ? 
_refine_ls_shell.redundancy_reflns_obs            ? 
_refine_ls_shell.pdbx_refine_id                   'X-RAY DIFFRACTION' 
# 
_struct.entry_id                  4DAQ 
_struct.title                     
'Crystal structure of an intramolecular human telomeric DNA G-quadruplex 21-mer bound by the naphthalene diimide compound BMSG-SH-3' 
_struct.pdbx_model_details        ? 
_struct.pdbx_CASP_flag            ? 
_struct.pdbx_model_type_details   ? 
# 
_struct_keywords.entry_id        4DAQ 
_struct_keywords.pdbx_keywords   DNA 
_struct_keywords.text            'intramolecular, ligand-complex, G-quadruplex, DNA' 
# 
loop_
_struct_asym.id 
_struct_asym.pdbx_blank_PDB_chainid_flag 
_struct_asym.pdbx_modified 
_struct_asym.entity_id 
_struct_asym.details 
A N N 1 ? 
B N N 2 ? 
C N N 2 ? 
D N N 2 ? 
E N N 3 ? 
F N N 4 ? 
# 
_struct_biol.id        1 
_struct_biol.details   ? 
# 
loop_
_struct_conn.id 
_struct_conn.conn_type_id 
_struct_conn.pdbx_leaving_atom_flag 
_struct_conn.pdbx_PDB_id 
_struct_conn.ptnr1_label_asym_id 
_struct_conn.ptnr1_label_comp_id 
_struct_conn.ptnr1_label_seq_id 
_struct_conn.ptnr1_label_atom_id 
_struct_conn.pdbx_ptnr1_label_alt_id 
_struct_conn.pdbx_ptnr1_PDB_ins_code 
_struct_conn.pdbx_ptnr1_standard_comp_id 
_struct_conn.ptnr1_symmetry 
_struct_conn.ptnr2_label_asym_id 
_struct_conn.ptnr2_label_comp_id 
_struct_conn.ptnr2_label_seq_id 
_struct_conn.ptnr2_label_atom_id 
_struct_conn.pdbx_ptnr2_label_alt_id 
_struct_conn.pdbx_ptnr2_PDB_ins_code 
_struct_conn.ptnr1_auth_asym_id 
_struct_conn.ptnr1_auth_comp_id 
_struct_conn.ptnr1_auth_seq_id 
_struct_conn.ptnr2_auth_asym_id 
_struct_conn.ptnr2_auth_comp_id 
_struct_conn.ptnr2_auth_seq_id 
_struct_conn.ptnr2_symmetry 
_struct_conn.pdbx_ptnr3_label_atom_id 
_struct_conn.pdbx_ptnr3_label_seq_id 
_struct_conn.pdbx_ptnr3_label_comp_id 
_struct_conn.pdbx_ptnr3_label_asym_id 
_struct_conn.pdbx_ptnr3_label_alt_id 
_struct_conn.pdbx_ptnr3_PDB_ins_code 
_struct_conn.details 
_struct_conn.pdbx_dist_value 
_struct_conn.pdbx_value_order 
_struct_conn.pdbx_role 
metalc1  metalc ? ? A DG 1  O6 ? ? ? 1_555 C K  .  K  ? ? A DG 1  A K  102 1_555 ? ? ? ? ? ? ?           2.675 ? ? 
metalc2  metalc ? ? A DG 1  O6 ? ? ? 1_555 D K  .  K  ? ? A DG 1  A K  103 1_555 ? ? ? ? ? ? ?           2.897 ? ? 
metalc3  metalc ? ? A DG 2  O6 ? ? ? 1_555 B K  .  K  ? ? A DG 2  A K  101 1_555 ? ? ? ? ? ? ?           2.818 ? ? 
metalc4  metalc ? ? A DG 2  O6 ? ? ? 1_555 C K  .  K  ? ? A DG 2  A K  102 1_555 ? ? ? ? ? ? ?           2.594 ? ? 
metalc5  metalc ? ? A DG 3  O6 ? ? ? 1_555 B K  .  K  ? ? A DG 3  A K  101 1_555 ? ? ? ? ? ? ?           2.674 ? ? 
metalc6  metalc ? ? A DG 7  O6 ? ? ? 1_555 C K  .  K  ? ? A DG 7  A K  102 1_555 ? ? ? ? ? ? ?           2.804 ? ? 
metalc7  metalc ? ? A DG 7  O6 ? ? ? 1_555 D K  .  K  ? ? A DG 7  A K  103 1_555 ? ? ? ? ? ? ?           2.598 ? ? 
metalc8  metalc ? ? A DG 8  O6 ? ? ? 1_555 B K  .  K  ? ? A DG 8  A K  101 1_555 ? ? ? ? ? ? ?           2.993 ? ? 
metalc9  metalc ? ? A DG 8  O6 ? ? ? 1_555 C K  .  K  ? ? A DG 8  A K  102 1_555 ? ? ? ? ? ? ?           2.497 ? ? 
metalc10 metalc ? ? A DG 9  O6 ? ? ? 1_555 B K  .  K  ? ? A DG 9  A K  101 1_555 ? ? ? ? ? ? ?           2.753 ? ? 
metalc11 metalc ? ? A DG 13 O6 ? ? ? 1_555 C K  .  K  ? ? A DG 13 A K  102 1_555 ? ? ? ? ? ? ?           3.333 ? ? 
metalc12 metalc ? ? A DG 13 O6 ? ? ? 1_555 D K  .  K  ? ? A DG 13 A K  103 1_555 ? ? ? ? ? ? ?           2.612 ? ? 
metalc13 metalc ? ? A DG 14 O6 ? ? ? 1_555 B K  .  K  ? ? A DG 14 A K  101 1_555 ? ? ? ? ? ? ?           3.053 ? ? 
metalc14 metalc ? ? A DG 14 O6 ? ? ? 1_555 C K  .  K  ? ? A DG 14 A K  102 1_555 ? ? ? ? ? ? ?           2.674 ? ? 
metalc15 metalc ? ? A DG 15 O6 ? ? ? 1_555 B K  .  K  ? ? A DG 15 A K  101 1_555 ? ? ? ? ? ? ?           2.776 ? ? 
metalc16 metalc ? ? A DG 19 O6 ? ? ? 1_555 C K  .  K  ? ? A DG 19 A K  102 1_555 ? ? ? ? ? ? ?           2.899 ? ? 
metalc17 metalc ? ? A DG 19 O6 ? ? ? 1_555 D K  .  K  ? ? A DG 19 A K  103 1_555 ? ? ? ? ? ? ?           2.775 ? ? 
metalc18 metalc ? ? A DG 20 O6 ? ? ? 1_555 B K  .  K  ? ? A DG 20 A K  101 1_555 ? ? ? ? ? ? ?           2.804 ? ? 
metalc19 metalc ? ? A DG 20 O6 ? ? ? 1_555 C K  .  K  ? ? A DG 20 A K  102 1_555 ? ? ? ? ? ? ?           2.651 ? ? 
metalc20 metalc ? ? A DG 21 O6 ? ? ? 1_555 B K  .  K  ? ? A DG 21 A K  101 1_555 ? ? ? ? ? ? ?           2.615 ? ? 
hydrog1  hydrog ? ? A DG 1  N1 ? ? ? 1_555 A DG 7  O6 ? ? A DG 1  A DG 7   1_555 ? ? ? ? ? ? TYPE_6_PAIR ?     ? ? 
hydrog2  hydrog ? ? A DG 1  N2 ? ? ? 1_555 A DG 7  N7 ? ? A DG 1  A DG 7   1_555 ? ? ? ? ? ? TYPE_6_PAIR ?     ? ? 
hydrog3  hydrog ? ? A DG 1  N7 ? ? ? 1_555 A DG 19 N2 ? ? A DG 1  A DG 19  1_555 ? ? ? ? ? ? TYPE_6_PAIR ?     ? ? 
hydrog4  hydrog ? ? A DG 1  O6 ? ? ? 1_555 A DG 19 N1 ? ? A DG 1  A DG 19  1_555 ? ? ? ? ? ? TYPE_6_PAIR ?     ? ? 
hydrog5  hydrog ? ? A DG 2  N1 ? ? ? 1_555 A DG 8  O6 ? ? A DG 2  A DG 8   1_555 ? ? ? ? ? ? TYPE_6_PAIR ?     ? ? 
hydrog6  hydrog ? ? A DG 2  N2 ? ? ? 1_555 A DG 8  N7 ? ? A DG 2  A DG 8   1_555 ? ? ? ? ? ? TYPE_6_PAIR ?     ? ? 
hydrog7  hydrog ? ? A DG 2  N7 ? ? ? 1_555 A DG 20 N2 ? ? A DG 2  A DG 20  1_555 ? ? ? ? ? ? TYPE_6_PAIR ?     ? ? 
hydrog8  hydrog ? ? A DG 2  O6 ? ? ? 1_555 A DG 20 N1 ? ? A DG 2  A DG 20  1_555 ? ? ? ? ? ? TYPE_6_PAIR ?     ? ? 
hydrog9  hydrog ? ? A DG 3  N1 ? ? ? 1_555 A DG 9  O6 ? ? A DG 3  A DG 9   1_555 ? ? ? ? ? ? TYPE_6_PAIR ?     ? ? 
hydrog10 hydrog ? ? A DG 3  N2 ? ? ? 1_555 A DG 9  N7 ? ? A DG 3  A DG 9   1_555 ? ? ? ? ? ? TYPE_6_PAIR ?     ? ? 
hydrog11 hydrog ? ? A DG 3  N7 ? ? ? 1_555 A DG 21 N2 ? ? A DG 3  A DG 21  1_555 ? ? ? ? ? ? TYPE_6_PAIR ?     ? ? 
hydrog12 hydrog ? ? A DG 3  O6 ? ? ? 1_555 A DG 21 N1 ? ? A DG 3  A DG 21  1_555 ? ? ? ? ? ? TYPE_6_PAIR ?     ? ? 
hydrog13 hydrog ? ? A DG 7  N1 ? ? ? 1_555 A DG 13 O6 ? ? A DG 7  A DG 13  1_555 ? ? ? ? ? ? TYPE_6_PAIR ?     ? ? 
hydrog14 hydrog ? ? A DG 7  N2 ? ? ? 1_555 A DG 13 N7 ? ? A DG 7  A DG 13  1_555 ? ? ? ? ? ? TYPE_6_PAIR ?     ? ? 
hydrog15 hydrog ? ? A DG 8  N1 ? ? ? 1_555 A DG 14 O6 ? ? A DG 8  A DG 14  1_555 ? ? ? ? ? ? TYPE_6_PAIR ?     ? ? 
hydrog16 hydrog ? ? A DG 8  N2 ? ? ? 1_555 A DG 14 N7 ? ? A DG 8  A DG 14  1_555 ? ? ? ? ? ? TYPE_6_PAIR ?     ? ? 
hydrog17 hydrog ? ? A DG 9  N1 ? ? ? 1_555 A DG 15 O6 ? ? A DG 9  A DG 15  1_555 ? ? ? ? ? ? TYPE_6_PAIR ?     ? ? 
hydrog18 hydrog ? ? A DG 9  N2 ? ? ? 1_555 A DG 15 N7 ? ? A DG 9  A DG 15  1_555 ? ? ? ? ? ? TYPE_6_PAIR ?     ? ? 
hydrog19 hydrog ? ? A DG 13 N1 ? ? ? 1_555 A DG 19 O6 ? ? A DG 13 A DG 19  1_555 ? ? ? ? ? ? TYPE_6_PAIR ?     ? ? 
hydrog20 hydrog ? ? A DG 13 N2 ? ? ? 1_555 A DG 19 N7 ? ? A DG 13 A DG 19  1_555 ? ? ? ? ? ? TYPE_6_PAIR ?     ? ? 
hydrog21 hydrog ? ? A DG 14 N1 ? ? ? 1_555 A DG 20 O6 ? ? A DG 14 A DG 20  1_555 ? ? ? ? ? ? TYPE_6_PAIR ?     ? ? 
hydrog22 hydrog ? ? A DG 14 N2 ? ? ? 1_555 A DG 20 N7 ? ? A DG 14 A DG 20  1_555 ? ? ? ? ? ? TYPE_6_PAIR ?     ? ? 
hydrog23 hydrog ? ? A DG 15 N1 ? ? ? 1_555 A DG 21 O6 ? ? A DG 15 A DG 21  1_555 ? ? ? ? ? ? TYPE_6_PAIR ?     ? ? 
hydrog24 hydrog ? ? A DG 15 N2 ? ? ? 1_555 A DG 21 N7 ? ? A DG 15 A DG 21  1_555 ? ? ? ? ? ? TYPE_6_PAIR ?     ? ? 
# 
loop_
_struct_conn_type.id 
_struct_conn_type.criteria 
_struct_conn_type.reference 
metalc ? ? 
hydrog ? ? 
# 
loop_
_struct_site.id 
_struct_site.pdbx_evidence_code 
_struct_site.pdbx_auth_asym_id 
_struct_site.pdbx_auth_comp_id 
_struct_site.pdbx_auth_seq_id 
_struct_site.pdbx_auth_ins_code 
_struct_site.pdbx_num_residues 
_struct_site.details 
AC1 Software A K   101 ? 9  'BINDING SITE FOR RESIDUE K A 101'   
AC2 Software A K   102 ? 11 'BINDING SITE FOR RESIDUE K A 102'   
AC3 Software A K   103 ? 10 'BINDING SITE FOR RESIDUE K A 103'   
AC4 Software A R8G 104 ? 9  'BINDING SITE FOR RESIDUE R8G A 104' 
# 
loop_
_struct_site_gen.id 
_struct_site_gen.site_id 
_struct_site_gen.pdbx_num_res 
_struct_site_gen.label_comp_id 
_struct_site_gen.label_asym_id 
_struct_site_gen.label_seq_id 
_struct_site_gen.pdbx_auth_ins_code 
_struct_site_gen.auth_comp_id 
_struct_site_gen.auth_asym_id 
_struct_site_gen.auth_seq_id 
_struct_site_gen.label_atom_id 
_struct_site_gen.label_alt_id 
_struct_site_gen.symmetry 
_struct_site_gen.details 
1  AC1 9  DG A 2  ? DG A 2   . ? 1_555 ? 
2  AC1 9  DG A 3  ? DG A 3   . ? 1_555 ? 
3  AC1 9  DG A 8  ? DG A 8   . ? 1_555 ? 
4  AC1 9  DG A 9  ? DG A 9   . ? 1_555 ? 
5  AC1 9  DG A 14 ? DG A 14  . ? 1_555 ? 
6  AC1 9  DG A 15 ? DG A 15  . ? 1_555 ? 
7  AC1 9  DG A 20 ? DG A 20  . ? 1_555 ? 
8  AC1 9  DG A 21 ? DG A 21  . ? 1_555 ? 
9  AC1 9  K  C .  ? K  A 102 . ? 1_555 ? 
10 AC2 11 DG A 1  ? DG A 1   . ? 1_555 ? 
11 AC2 11 DG A 2  ? DG A 2   . ? 1_555 ? 
12 AC2 11 DG A 7  ? DG A 7   . ? 1_555 ? 
13 AC2 11 DG A 8  ? DG A 8   . ? 1_555 ? 
14 AC2 11 DG A 13 ? DG A 13  . ? 1_555 ? 
15 AC2 11 DG A 14 ? DG A 14  . ? 1_555 ? 
16 AC2 11 DG A 19 ? DG A 19  . ? 1_555 ? 
17 AC2 11 DG A 20 ? DG A 20  . ? 1_555 ? 
18 AC2 11 K  B .  ? K  A 101 . ? 1_555 ? 
19 AC2 11 K  D .  ? K  A 103 . ? 4_555 ? 
20 AC2 11 K  D .  ? K  A 103 . ? 1_555 ? 
21 AC3 10 DG A 1  ? DG A 1   . ? 4_555 ? 
22 AC3 10 DG A 1  ? DG A 1   . ? 1_555 ? 
23 AC3 10 DG A 7  ? DG A 7   . ? 1_555 ? 
24 AC3 10 DG A 7  ? DG A 7   . ? 4_555 ? 
25 AC3 10 DG A 13 ? DG A 13  . ? 1_555 ? 
26 AC3 10 DG A 13 ? DG A 13  . ? 4_555 ? 
27 AC3 10 DG A 19 ? DG A 19  . ? 4_555 ? 
28 AC3 10 DG A 19 ? DG A 19  . ? 1_555 ? 
29 AC3 10 K  C .  ? K  A 102 . ? 1_555 ? 
30 AC3 10 K  C .  ? K  A 102 . ? 4_555 ? 
31 AC4 9  DG A 3  ? DG A 3   . ? 1_555 ? 
32 AC4 9  DT A 4  ? DT A 4   . ? 1_555 ? 
33 AC4 9  DT A 5  ? DT A 5   . ? 2_655 ? 
34 AC4 9  DG A 9  ? DG A 9   . ? 1_555 ? 
35 AC4 9  DT A 10 ? DT A 10  . ? 1_555 ? 
36 AC4 9  DT A 11 ? DT A 11  . ? 6_655 ? 
37 AC4 9  DA A 12 ? DA A 12  . ? 6_655 ? 
38 AC4 9  DG A 15 ? DG A 15  . ? 1_555 ? 
39 AC4 9  DG A 21 ? DG A 21  . ? 1_555 ? 
# 
_atom_sites.entry_id                    4DAQ 
_atom_sites.fract_transf_matrix[1][1]   0.01078881 
_atom_sites.fract_transf_matrix[1][2]   0.01708811 
_atom_sites.fract_transf_matrix[1][3]   -0.01068662 
_atom_sites.fract_transf_matrix[2][1]   0.00470027 
_atom_sites.fract_transf_matrix[2][2]   -0.00163041 
_atom_sites.fract_transf_matrix[2][3]   -0.02231310 
_atom_sites.fract_transf_matrix[3][1]   -0.01703285 
_atom_sites.fract_transf_matrix[3][2]   0.00813817 
_atom_sites.fract_transf_matrix[3][3]   -0.00418264 
_atom_sites.fract_transf_vector[1]      0.430553 
_atom_sites.fract_transf_vector[2]      0.344652 
_atom_sites.fract_transf_vector[3]      0.112131 
# 
loop_
_atom_type.symbol 
C 
K 
N 
O 
P 
# 
loop_
_atom_site.group_PDB 
_atom_site.id 
_atom_site.type_symbol 
_atom_site.label_atom_id 
_atom_site.label_alt_id 
_atom_site.label_comp_id 
_atom_site.label_asym_id 
_atom_site.label_entity_id 
_atom_site.label_seq_id 
_atom_site.pdbx_PDB_ins_code 
_atom_site.Cartn_x 
_atom_site.Cartn_y 
_atom_site.Cartn_z 
_atom_site.occupancy 
_atom_site.B_iso_or_equiv 
_atom_site.pdbx_formal_charge 
_atom_site.auth_seq_id 
_atom_site.auth_comp_id 
_atom_site.auth_asym_id 
_atom_site.auth_atom_id 
_atom_site.pdbx_PDB_model_num 
ATOM   1   O "O5'" . DG  A 1 1  ? 9.176   -3.410  10.020  1.00 62.66  ? 1   DG  A "O5'" 1 
ATOM   2   C "C5'" . DG  A 1 1  ? 8.786   -2.391  9.075   1.00 57.79  ? 1   DG  A "C5'" 1 
ATOM   3   C "C4'" . DG  A 1 1  ? 9.616   -2.485  7.815   1.00 50.28  ? 1   DG  A "C4'" 1 
ATOM   4   O "O4'" . DG  A 1 1  ? 9.214   -3.649  7.058   1.00 51.56  ? 1   DG  A "O4'" 1 
ATOM   5   C "C3'" . DG  A 1 1  ? 9.427   -1.307  6.871   1.00 46.62  ? 1   DG  A "C3'" 1 
ATOM   6   O "O3'" . DG  A 1 1  ? 10.435  -0.335  7.120   1.00 43.22  ? 1   DG  A "O3'" 1 
ATOM   7   C "C2'" . DG  A 1 1  ? 9.648   -1.923  5.505   1.00 48.02  ? 1   DG  A "C2'" 1 
ATOM   8   C "C1'" . DG  A 1 1  ? 9.145   -3.349  5.670   1.00 44.81  ? 1   DG  A "C1'" 1 
ATOM   9   N N9    . DG  A 1 1  ? 7.780   -3.611  5.216   1.00 42.00  ? 1   DG  A N9    1 
ATOM   10  C C8    . DG  A 1 1  ? 6.773   -4.207  5.938   1.00 44.03  ? 1   DG  A C8    1 
ATOM   11  N N7    . DG  A 1 1  ? 5.668   -4.353  5.257   1.00 41.50  ? 1   DG  A N7    1 
ATOM   12  C C5    . DG  A 1 1  ? 5.967   -3.835  4.004   1.00 40.28  ? 1   DG  A C5    1 
ATOM   13  C C6    . DG  A 1 1  ? 5.165   -3.721  2.848   1.00 40.20  ? 1   DG  A C6    1 
ATOM   14  O O6    . DG  A 1 1  ? 3.990   -4.074  2.686   1.00 42.79  ? 1   DG  A O6    1 
ATOM   15  N N1    . DG  A 1 1  ? 5.868   -3.147  1.793   1.00 38.03  ? 1   DG  A N1    1 
ATOM   16  C C2    . DG  A 1 1  ? 7.173   -2.733  1.847   1.00 37.21  ? 1   DG  A C2    1 
ATOM   17  N N2    . DG  A 1 1  ? 7.667   -2.182  0.733   1.00 36.50  ? 1   DG  A N2    1 
ATOM   18  N N3    . DG  A 1 1  ? 7.932   -2.832  2.922   1.00 39.54  ? 1   DG  A N3    1 
ATOM   19  C C4    . DG  A 1 1  ? 7.269   -3.381  3.960   1.00 40.70  ? 1   DG  A C4    1 
ATOM   20  P P     . DG  A 1 2  ? 10.025  1.205   7.250   1.00 45.67  ? 2   DG  A P     1 
ATOM   21  O OP1   . DG  A 1 2  ? 11.256  1.873   7.726   1.00 45.11  ? 2   DG  A OP1   1 
ATOM   22  O OP2   . DG  A 1 2  ? 8.752   1.352   8.012   1.00 39.89  ? 2   DG  A OP2   1 
ATOM   23  O "O5'" . DG  A 1 2  ? 9.812   1.656   5.739   1.00 42.04  ? 2   DG  A "O5'" 1 
ATOM   24  C "C5'" . DG  A 1 2  ? 10.841  1.425   4.769   1.00 39.99  ? 2   DG  A "C5'" 1 
ATOM   25  C "C4'" . DG  A 1 2  ? 10.415  1.945   3.418   1.00 37.24  ? 2   DG  A "C4'" 1 
ATOM   26  O "O4'" . DG  A 1 2  ? 9.686   0.910   2.735   1.00 37.06  ? 2   DG  A "O4'" 1 
ATOM   27  C "C3'" . DG  A 1 2  ? 9.463   3.126   3.476   1.00 38.42  ? 2   DG  A "C3'" 1 
ATOM   28  O "O3'" . DG  A 1 2  ? 10.204  4.333   3.344   1.00 42.95  ? 2   DG  A "O3'" 1 
ATOM   29  C "C2'" . DG  A 1 2  ? 8.651   2.961   2.208   1.00 39.94  ? 2   DG  A "C2'" 1 
ATOM   30  C "C1'" . DG  A 1 2  ? 8.620   1.466   1.983   1.00 36.48  ? 2   DG  A "C1'" 1 
ATOM   31  N N9    . DG  A 1 2  ? 7.384   0.826   2.416   1.00 35.49  ? 2   DG  A N9    1 
ATOM   32  C C8    . DG  A 1 2  ? 7.090   0.356   3.673   1.00 35.58  ? 2   DG  A C8    1 
ATOM   33  N N7    . DG  A 1 2  ? 5.907   -0.189  3.751   1.00 35.27  ? 2   DG  A N7    1 
ATOM   34  C C5    . DG  A 1 2  ? 5.387   -0.067  2.471   1.00 35.01  ? 2   DG  A C5    1 
ATOM   35  C C6    . DG  A 1 2  ? 4.141   -0.483  1.943   1.00 37.73  ? 2   DG  A C6    1 
ATOM   36  O O6    . DG  A 1 2  ? 3.206   -1.048  2.524   1.00 40.26  ? 2   DG  A O6    1 
ATOM   37  N N1    . DG  A 1 2  ? 4.024   -0.163  0.595   1.00 37.95  ? 2   DG  A N1    1 
ATOM   38  C C2    . DG  A 1 2  ? 4.982   0.470   -0.151  1.00 37.60  ? 2   DG  A C2    1 
ATOM   39  N N2    . DG  A 1 2  ? 4.678   0.688   -1.438  1.00 37.86  ? 2   DG  A N2    1 
ATOM   40  N N3    . DG  A 1 2  ? 6.158   0.846   0.323   1.00 37.56  ? 2   DG  A N3    1 
ATOM   41  C C4    . DG  A 1 2  ? 6.287   0.556   1.634   1.00 35.16  ? 2   DG  A C4    1 
ATOM   42  P P     . DG  A 1 3  ? 9.491   5.763   3.431   1.00 47.92  ? 3   DG  A P     1 
ATOM   43  O OP1   . DG  A 1 3  ? 10.552  6.804   3.432   1.00 52.11  ? 3   DG  A OP1   1 
ATOM   44  O OP2   . DG  A 1 3  ? 8.517   5.700   4.556   1.00 47.05  ? 3   DG  A OP2   1 
ATOM   45  O "O5'" . DG  A 1 3  ? 8.763   5.927   2.027   1.00 39.09  ? 3   DG  A "O5'" 1 
ATOM   46  C "C5'" . DG  A 1 3  ? 9.529   5.962   0.821   1.00 38.54  ? 3   DG  A "C5'" 1 
ATOM   47  C "C4'" . DG  A 1 3  ? 8.604   6.265   -0.330  1.00 37.20  ? 3   DG  A "C4'" 1 
ATOM   48  O "O4'" . DG  A 1 3  ? 7.614   5.213   -0.417  1.00 37.04  ? 3   DG  A "O4'" 1 
ATOM   49  C "C3'" . DG  A 1 3  ? 7.813   7.553   -0.137  1.00 39.14  ? 3   DG  A "C3'" 1 
ATOM   50  O "O3'" . DG  A 1 3  ? 7.472   8.087   -1.412  1.00 45.56  ? 3   DG  A "O3'" 1 
ATOM   51  C "C2'" . DG  A 1 3  ? 6.539   7.064   0.521   1.00 39.45  ? 3   DG  A "C2'" 1 
ATOM   52  C "C1'" . DG  A 1 3  ? 6.317   5.742   -0.194  1.00 37.34  ? 3   DG  A "C1'" 1 
ATOM   53  N N9    . DG  A 1 3  ? 5.559   4.777   0.593   1.00 36.63  ? 3   DG  A N9    1 
ATOM   54  C C8    . DG  A 1 3  ? 5.831   4.381   1.878   1.00 38.11  ? 3   DG  A C8    1 
ATOM   55  N N7    . DG  A 1 3  ? 4.953   3.539   2.352   1.00 38.89  ? 3   DG  A N7    1 
ATOM   56  C C5    . DG  A 1 3  ? 4.038   3.380   1.321   1.00 39.75  ? 3   DG  A C5    1 
ATOM   57  C C6    . DG  A 1 3  ? 2.867   2.581   1.246   1.00 42.52  ? 3   DG  A C6    1 
ATOM   58  O O6    . DG  A 1 3  ? 2.391   1.821   2.104   1.00 42.90  ? 3   DG  A O6    1 
ATOM   59  N N1    . DG  A 1 3  ? 2.237   2.711   0.013   1.00 40.76  ? 3   DG  A N1    1 
ATOM   60  C C2    . DG  A 1 3  ? 2.670   3.513   -1.012  1.00 40.29  ? 3   DG  A C2    1 
ATOM   61  N N2    . DG  A 1 3  ? 1.915   3.513   -2.121  1.00 41.32  ? 3   DG  A N2    1 
ATOM   62  N N3    . DG  A 1 3  ? 3.762   4.258   -0.957  1.00 40.17  ? 3   DG  A N3    1 
ATOM   63  C C4    . DG  A 1 3  ? 4.393   4.143   0.230   1.00 38.21  ? 3   DG  A C4    1 
ATOM   64  P P     . DT  A 1 4  ? 7.660   9.634   -1.721  1.00 50.15  ? 4   DT  A P     1 
ATOM   65  O OP1   . DT  A 1 4  ? 7.056   10.411  -0.613  1.00 49.28  ? 4   DT  A OP1   1 
ATOM   66  O OP2   . DT  A 1 4  ? 7.272   9.892   -3.136  1.00 45.18  ? 4   DT  A OP2   1 
ATOM   67  O "O5'" . DT  A 1 4  ? 9.237   9.771   -1.569  1.00 48.43  ? 4   DT  A "O5'" 1 
ATOM   68  C "C5'" . DT  A 1 4  ? 10.100  9.331   -2.623  1.00 48.36  ? 4   DT  A "C5'" 1 
ATOM   69  C "C4'" . DT  A 1 4  ? 11.523  9.342   -2.128  1.00 50.92  ? 4   DT  A "C4'" 1 
ATOM   70  O "O4'" . DT  A 1 4  ? 11.687  8.356   -1.082  1.00 51.95  ? 4   DT  A "O4'" 1 
ATOM   71  C "C3'" . DT  A 1 4  ? 12.557  9.016   -3.202  1.00 52.95  ? 4   DT  A "C3'" 1 
ATOM   72  O "O3'" . DT  A 1 4  ? 13.555  10.049  -3.194  1.00 55.65  ? 4   DT  A "O3'" 1 
ATOM   73  C "C2'" . DT  A 1 4  ? 13.050  7.630   -2.816  1.00 52.50  ? 4   DT  A "C2'" 1 
ATOM   74  C "C1'" . DT  A 1 4  ? 12.883  7.642   -1.310  1.00 52.00  ? 4   DT  A "C1'" 1 
ATOM   75  N N1    . DT  A 1 4  ? 12.761  6.317   -0.654  1.00 55.83  ? 4   DT  A N1    1 
ATOM   76  C C2    . DT  A 1 4  ? 13.278  6.176   0.616   1.00 58.58  ? 4   DT  A C2    1 
ATOM   77  O O2    . DT  A 1 4  ? 13.817  7.087   1.222   1.00 64.90  ? 4   DT  A O2    1 
ATOM   78  N N3    . DT  A 1 4  ? 13.137  4.923   1.157   1.00 55.58  ? 4   DT  A N3    1 
ATOM   79  C C4    . DT  A 1 4  ? 12.550  3.822   0.565   1.00 56.39  ? 4   DT  A C4    1 
ATOM   80  O O4    . DT  A 1 4  ? 12.500  2.755   1.171   1.00 61.34  ? 4   DT  A O4    1 
ATOM   81  C C5    . DT  A 1 4  ? 12.035  4.037   -0.767  1.00 54.06  ? 4   DT  A C5    1 
ATOM   82  C C7    . DT  A 1 4  ? 11.387  2.897   -1.485  1.00 55.82  ? 4   DT  A C7    1 
ATOM   83  C C6    . DT  A 1 4  ? 12.164  5.258   -1.303  1.00 53.48  ? 4   DT  A C6    1 
ATOM   84  P P     . DT  A 1 5  ? 13.882  10.931  -4.512  1.00 58.66  ? 5   DT  A P     1 
ATOM   85  O OP1   . DT  A 1 5  ? 14.632  12.137  -4.090  1.00 61.06  ? 5   DT  A OP1   1 
ATOM   86  O OP2   . DT  A 1 5  ? 12.704  11.106  -5.392  1.00 57.66  ? 5   DT  A OP2   1 
ATOM   87  O "O5'" . DT  A 1 5  ? 14.877  9.952   -5.278  1.00 50.06  ? 5   DT  A "O5'" 1 
ATOM   88  C "C5'" . DT  A 1 5  ? 14.899  9.967   -6.712  1.00 49.07  ? 5   DT  A "C5'" 1 
ATOM   89  C "C4'" . DT  A 1 5  ? 15.531  8.703   -7.246  1.00 45.82  ? 5   DT  A "C4'" 1 
ATOM   90  O "O4'" . DT  A 1 5  ? 16.849  8.534   -6.688  1.00 45.12  ? 5   DT  A "O4'" 1 
ATOM   91  C "C3'" . DT  A 1 5  ? 14.800  7.427   -6.870  1.00 47.09  ? 5   DT  A "C3'" 1 
ATOM   92  O "O3'" . DT  A 1 5  ? 13.696  7.228   -7.755  1.00 47.25  ? 5   DT  A "O3'" 1 
ATOM   93  C "C2'" . DT  A 1 5  ? 15.903  6.393   -6.986  1.00 43.09  ? 5   DT  A "C2'" 1 
ATOM   94  C "C1'" . DT  A 1 5  ? 17.111  7.154   -6.461  1.00 39.21  ? 5   DT  A "C1'" 1 
ATOM   95  N N1    . DT  A 1 5  ? 17.325  6.975   -5.026  1.00 34.35  ? 5   DT  A N1    1 
ATOM   96  C C2    . DT  A 1 5  ? 17.939  5.826   -4.591  1.00 35.69  ? 5   DT  A C2    1 
ATOM   97  O O2    . DT  A 1 5  ? 18.338  4.955   -5.349  1.00 39.28  ? 5   DT  A O2    1 
ATOM   98  N N3    . DT  A 1 5  ? 18.079  5.732   -3.229  1.00 32.99  ? 5   DT  A N3    1 
ATOM   99  C C4    . DT  A 1 5  ? 17.681  6.659   -2.287  1.00 33.73  ? 5   DT  A C4    1 
ATOM   100 O O4    . DT  A 1 5  ? 17.864  6.436   -1.093  1.00 37.55  ? 5   DT  A O4    1 
ATOM   101 C C5    . DT  A 1 5  ? 17.046  7.841   -2.814  1.00 33.20  ? 5   DT  A C5    1 
ATOM   102 C C7    . DT  A 1 5  ? 16.567  8.892   -1.864  1.00 33.96  ? 5   DT  A C7    1 
ATOM   103 C C6    . DT  A 1 5  ? 16.897  7.936   -4.139  1.00 33.79  ? 5   DT  A C6    1 
ATOM   104 P P     . DA  A 1 6  ? 12.447  6.492   -7.133  1.00 45.18  ? 6   DA  A P     1 
ATOM   105 O OP1   . DA  A 1 6  ? 11.559  6.387   -8.314  1.00 45.40  ? 6   DA  A OP1   1 
ATOM   106 O OP2   . DA  A 1 6  ? 11.945  7.049   -5.848  1.00 42.65  ? 6   DA  A OP2   1 
ATOM   107 O "O5'" . DA  A 1 6  ? 13.130  5.116   -6.726  1.00 43.48  ? 6   DA  A "O5'" 1 
ATOM   108 C "C5'" . DA  A 1 6  ? 13.426  4.100   -7.694  1.00 40.16  ? 6   DA  A "C5'" 1 
ATOM   109 C "C4'" . DA  A 1 6  ? 13.588  2.787   -6.969  1.00 38.70  ? 6   DA  A "C4'" 1 
ATOM   110 O "O4'" . DA  A 1 6  ? 14.554  2.971   -5.907  1.00 38.68  ? 6   DA  A "O4'" 1 
ATOM   111 C "C3'" . DA  A 1 6  ? 12.313  2.276   -6.290  1.00 38.19  ? 6   DA  A "C3'" 1 
ATOM   112 O "O3'" . DA  A 1 6  ? 12.233  0.850   -6.337  1.00 40.59  ? 6   DA  A "O3'" 1 
ATOM   113 C "C2'" . DA  A 1 6  ? 12.547  2.584   -4.828  1.00 37.73  ? 6   DA  A "C2'" 1 
ATOM   114 C "C1'" . DA  A 1 6  ? 14.045  2.388   -4.730  1.00 37.76  ? 6   DA  A "C1'" 1 
ATOM   115 N N9    . DA  A 1 6  ? 14.617  3.099   -3.603  1.00 36.24  ? 6   DA  A N9    1 
ATOM   116 C C8    . DA  A 1 6  ? 14.831  4.449   -3.513  1.00 38.46  ? 6   DA  A C8    1 
ATOM   117 N N7    . DA  A 1 6  ? 15.311  4.832   -2.355  1.00 41.87  ? 6   DA  A N7    1 
ATOM   118 C C5    . DA  A 1 6  ? 15.398  3.656   -1.626  1.00 41.26  ? 6   DA  A C5    1 
ATOM   119 C C6    . DA  A 1 6  ? 15.827  3.386   -0.314  1.00 44.86  ? 6   DA  A C6    1 
ATOM   120 N N6    . DA  A 1 6  ? 16.277  4.324   0.525   1.00 45.16  ? 6   DA  A N6    1 
ATOM   121 N N1    . DA  A 1 6  ? 15.782  2.104   0.109   1.00 45.50  ? 6   DA  A N1    1 
ATOM   122 C C2    . DA  A 1 6  ? 15.343  1.164   -0.740  1.00 47.96  ? 6   DA  A C2    1 
ATOM   123 N N3    . DA  A 1 6  ? 14.913  1.295   -1.996  1.00 44.60  ? 6   DA  A N3    1 
ATOM   124 C C4    . DA  A 1 6  ? 14.962  2.581   -2.380  1.00 39.55  ? 6   DA  A C4    1 
ATOM   125 P P     . DG  A 1 7  ? 11.723  0.058   -7.635  1.00 45.35  ? 7   DG  A P     1 
ATOM   126 O OP1   . DG  A 1 7  ? 12.450  -1.238  -7.531  1.00 41.56  ? 7   DG  A OP1   1 
ATOM   127 O OP2   . DG  A 1 7  ? 11.837  0.911   -8.861  1.00 43.22  ? 7   DG  A OP2   1 
ATOM   128 O "O5'" . DG  A 1 7  ? 10.155  -0.167  -7.478  1.00 39.26  ? 7   DG  A "O5'" 1 
ATOM   129 C "C5'" . DG  A 1 7  ? 9.596   -0.579  -6.231  1.00 34.03  ? 7   DG  A "C5'" 1 
ATOM   130 C "C4'" . DG  A 1 7  ? 8.134   -0.884  -6.430  1.00 32.61  ? 7   DG  A "C4'" 1 
ATOM   131 O "O4'" . DG  A 1 7  ? 7.691   -1.763  -5.378  1.00 34.13  ? 7   DG  A "O4'" 1 
ATOM   132 C "C3'" . DG  A 1 7  ? 7.209   0.337   -6.396  1.00 32.23  ? 7   DG  A "C3'" 1 
ATOM   133 O "O3'" . DG  A 1 7  ? 6.556   0.430   -7.655  1.00 32.68  ? 7   DG  A "O3'" 1 
ATOM   134 C "C2'" . DG  A 1 7  ? 6.197   0.019   -5.308  1.00 30.77  ? 7   DG  A "C2'" 1 
ATOM   135 C "C1'" . DG  A 1 7  ? 6.342   -1.478  -5.114  1.00 28.84  ? 7   DG  A "C1'" 1 
ATOM   136 N N9    . DG  A 1 7  ? 6.038   -1.960  -3.774  1.00 27.79  ? 7   DG  A N9    1 
ATOM   137 C C8    . DG  A 1 7  ? 6.825   -1.903  -2.651  1.00 27.34  ? 7   DG  A C8    1 
ATOM   138 N N7    . DG  A 1 7  ? 6.252   -2.420  -1.598  1.00 27.16  ? 7   DG  A N7    1 
ATOM   139 C C5    . DG  A 1 7  ? 5.021   -2.863  -2.062  1.00 27.06  ? 7   DG  A C5    1 
ATOM   140 C C6    . DG  A 1 7  ? 3.962   -3.514  -1.383  1.00 28.77  ? 7   DG  A C6    1 
ATOM   141 O O6    . DG  A 1 7  ? 3.895   -3.847  -0.190  1.00 30.38  ? 7   DG  A O6    1 
ATOM   142 N N1    . DG  A 1 7  ? 2.895   -3.776  -2.235  1.00 28.50  ? 7   DG  A N1    1 
ATOM   143 C C2    . DG  A 1 7  ? 2.848   -3.449  -3.566  1.00 27.56  ? 7   DG  A C2    1 
ATOM   144 N N2    . DG  A 1 7  ? 1.725   -3.775  -4.220  1.00 27.89  ? 7   DG  A N2    1 
ATOM   145 N N3    . DG  A 1 7  ? 3.834   -2.863  -4.213  1.00 26.90  ? 7   DG  A N3    1 
ATOM   146 C C4    . DG  A 1 7  ? 4.875   -2.584  -3.402  1.00 26.98  ? 7   DG  A C4    1 
ATOM   147 P P     . DG  A 1 8  ? 5.513   1.559   -8.020  1.00 38.82  ? 8   DG  A P     1 
ATOM   148 O OP1   . DG  A 1 8  ? 5.601   1.684   -9.490  1.00 37.49  ? 8   DG  A OP1   1 
ATOM   149 O OP2   . DG  A 1 8  ? 5.655   2.774   -7.173  1.00 36.61  ? 8   DG  A OP2   1 
ATOM   150 O "O5'" . DG  A 1 8  ? 4.104   0.928   -7.615  1.00 36.05  ? 8   DG  A "O5'" 1 
ATOM   151 C "C5'" . DG  A 1 8  ? 3.586   -0.259  -8.237  1.00 33.29  ? 8   DG  A "C5'" 1 
ATOM   152 C "C4'" . DG  A 1 8  ? 2.080   -0.287  -8.133  1.00 32.24  ? 8   DG  A "C4'" 1 
ATOM   153 O "O4'" . DG  A 1 8  ? 1.669   -0.938  -6.908  1.00 31.17  ? 8   DG  A "O4'" 1 
ATOM   154 C "C3'" . DG  A 1 8  ? 1.416   1.088   -8.122  1.00 34.15  ? 8   DG  A "C3'" 1 
ATOM   155 O "O3'" . DG  A 1 8  ? 0.231   1.018   -8.918  1.00 38.10  ? 8   DG  A "O3'" 1 
ATOM   156 C "C2'" . DG  A 1 8  ? 1.114   1.331   -6.655  1.00 31.88  ? 8   DG  A "C2'" 1 
ATOM   157 C "C1'" . DG  A 1 8  ? 0.880   -0.066  -6.109  1.00 30.41  ? 8   DG  A "C1'" 1 
ATOM   158 N N9    . DG  A 1 8  ? 1.290   -0.237  -4.716  1.00 30.12  ? 8   DG  A N9    1 
ATOM   159 C C8    . DG  A 1 8  ? 2.469   0.188   -4.152  1.00 29.94  ? 8   DG  A C8    1 
ATOM   160 N N7    . DG  A 1 8  ? 2.556   -0.089  -2.880  1.00 30.31  ? 8   DG  A N7    1 
ATOM   161 C C5    . DG  A 1 8  ? 1.363   -0.729  -2.583  1.00 28.44  ? 8   DG  A C5    1 
ATOM   162 C C6    . DG  A 1 8  ? 0.889   -1.262  -1.361  1.00 30.72  ? 8   DG  A C6    1 
ATOM   163 O O6    . DG  A 1 8  ? 1.455   -1.291  -0.260  1.00 31.34  ? 8   DG  A O6    1 
ATOM   164 N N1    . DG  A 1 8  ? -0.386  -1.795  -1.497  1.00 31.58  ? 8   DG  A N1    1 
ATOM   165 C C2    . DG  A 1 8  ? -1.105  -1.833  -2.663  1.00 31.92  ? 8   DG  A C2    1 
ATOM   166 N N2    . DG  A 1 8  ? -2.309  -2.416  -2.598  1.00 33.15  ? 8   DG  A N2    1 
ATOM   167 N N3    . DG  A 1 8  ? -0.670  -1.351  -3.813  1.00 31.84  ? 8   DG  A N3    1 
ATOM   168 C C4    . DG  A 1 8  ? 0.566   -0.821  -3.702  1.00 29.29  ? 8   DG  A C4    1 
ATOM   169 P P     . DG  A 1 9  ? -0.706  2.270   -9.212  1.00 41.19  ? 9   DG  A P     1 
ATOM   170 O OP1   . DG  A 1 9  ? -1.382  1.990   -10.503 1.00 42.39  ? 9   DG  A OP1   1 
ATOM   171 O OP2   . DG  A 1 9  ? 0.087   3.507   -9.031  1.00 38.43  ? 9   DG  A OP2   1 
ATOM   172 O "O5'" . DG  A 1 9  ? -1.838  2.169   -8.097  1.00 35.15  ? 9   DG  A "O5'" 1 
ATOM   173 C "C5'" . DG  A 1 9  ? -2.604  0.970   -7.963  1.00 33.44  ? 9   DG  A "C5'" 1 
ATOM   174 C "C4'" . DG  A 1 9  ? -3.795  1.206   -7.069  1.00 34.53  ? 9   DG  A "C4'" 1 
ATOM   175 O "O4'" . DG  A 1 9  ? -3.475  0.815   -5.714  1.00 33.64  ? 9   DG  A "O4'" 1 
ATOM   176 C "C3'" . DG  A 1 9  ? -4.272  2.658   -6.987  1.00 37.57  ? 9   DG  A "C3'" 1 
ATOM   177 O "O3'" . DG  A 1 9  ? -5.691  2.697   -6.836  1.00 43.12  ? 9   DG  A "O3'" 1 
ATOM   178 C "C2'" . DG  A 1 9  ? -3.655  3.156   -5.701  1.00 34.64  ? 9   DG  A "C2'" 1 
ATOM   179 C "C1'" . DG  A 1 9  ? -3.706  1.912   -4.838  1.00 33.42  ? 9   DG  A "C1'" 1 
ATOM   180 N N9    . DG  A 1 9  ? -2.688  1.880   -3.799  1.00 30.43  ? 9   DG  A N9    1 
ATOM   181 C C8    . DG  A 1 9  ? -1.419  2.396   -3.865  1.00 30.00  ? 9   DG  A C8    1 
ATOM   182 N N7    . DG  A 1 9  ? -0.738  2.219   -2.767  1.00 31.95  ? 9   DG  A N7    1 
ATOM   183 C C5    . DG  A 1 9  ? -1.614  1.552   -1.925  1.00 29.86  ? 9   DG  A C5    1 
ATOM   184 C C6    . DG  A 1 9  ? -1.444  1.108   -0.592  1.00 32.26  ? 9   DG  A C6    1 
ATOM   185 O O6    . DG  A 1 9  ? -0.440  1.194   0.128   1.00 33.89  ? 9   DG  A O6    1 
ATOM   186 N N1    . DG  A 1 9  ? -2.601  0.513   -0.101  1.00 33.02  ? 9   DG  A N1    1 
ATOM   187 C C2    . DG  A 1 9  ? -3.763  0.346   -0.809  1.00 33.22  ? 9   DG  A C2    1 
ATOM   188 N N2    . DG  A 1 9  ? -4.761  -0.284  -0.172  1.00 33.45  ? 9   DG  A N2    1 
ATOM   189 N N3    . DG  A 1 9  ? -3.931  0.754   -2.053  1.00 31.44  ? 9   DG  A N3    1 
ATOM   190 C C4    . DG  A 1 9  ? -2.825  1.346   -2.544  1.00 28.91  ? 9   DG  A C4    1 
ATOM   191 P P     . DT  A 1 10 ? -6.490  4.018   -7.176  1.00 48.12  ? 10  DT  A P     1 
ATOM   192 O OP1   . DT  A 1 10 ? -5.761  5.118   -6.520  1.00 45.09  ? 10  DT  A OP1   1 
ATOM   193 O OP2   . DT  A 1 10 ? -7.906  3.705   -6.823  1.00 46.71  ? 10  DT  A OP2   1 
ATOM   194 O "O5'" . DT  A 1 10 ? -6.338  4.300   -8.735  1.00 53.51  ? 10  DT  A "O5'" 1 
ATOM   195 C "C5'" . DT  A 1 10 ? -6.695  3.290   -9.694  1.00 62.60  ? 10  DT  A "C5'" 1 
ATOM   196 C "C4'" . DT  A 1 10 ? -7.369  3.905   -10.899 1.00 69.85  ? 10  DT  A "C4'" 1 
ATOM   197 O "O4'" . DT  A 1 10 ? -8.702  4.361   -10.563 1.00 72.15  ? 10  DT  A "O4'" 1 
ATOM   198 C "C3'" . DT  A 1 10 ? -6.647  5.100   -11.536 1.00 71.83  ? 10  DT  A "C3'" 1 
ATOM   199 O "O3'" . DT  A 1 10 ? -6.464  4.866   -12.945 1.00 75.04  ? 10  DT  A "O3'" 1 
ATOM   200 C "C2'" . DT  A 1 10 ? -7.611  6.260   -11.318 1.00 75.33  ? 10  DT  A "C2'" 1 
ATOM   201 C "C1'" . DT  A 1 10 ? -8.948  5.544   -11.293 1.00 74.18  ? 10  DT  A "C1'" 1 
ATOM   202 N N1    . DT  A 1 10 ? -10.081 6.252   -10.661 0.50 71.94  ? 10  DT  A N1    1 
ATOM   203 C C2    . DT  A 1 10 ? -10.041 6.539   -9.315  0.50 71.23  ? 10  DT  A C2    1 
ATOM   204 O O2    . DT  A 1 10 ? -9.098  6.252   -8.597  0.50 72.13  ? 10  DT  A O2    1 
ATOM   205 N N3    . DT  A 1 10 ? -11.153 7.185   -8.836  0.50 73.91  ? 10  DT  A N3    1 
ATOM   206 C C4    . DT  A 1 10 ? -12.276 7.559   -9.551  0.50 76.42  ? 10  DT  A C4    1 
ATOM   207 O O4    . DT  A 1 10 ? -13.198 8.137   -8.983  0.50 76.77  ? 10  DT  A O4    1 
ATOM   208 C C5    . DT  A 1 10 ? -12.252 7.219   -10.955 0.50 76.08  ? 10  DT  A C5    1 
ATOM   209 C C7    . DT  A 1 10 ? -13.424 7.583   -11.811 0.50 75.76  ? 10  DT  A C7    1 
ATOM   210 C C6    . DT  A 1 10 ? -11.172 6.587   -11.432 0.50 73.02  ? 10  DT  A C6    1 
ATOM   211 P P     . DT  A 1 11 ? -5.209  4.162   -13.704 1.00 73.35  ? 11  DT  A P     1 
ATOM   212 O OP1   . DT  A 1 11 ? -4.133  3.781   -12.752 1.00 76.75  ? 11  DT  A OP1   1 
ATOM   213 O OP2   . DT  A 1 11 ? -4.885  4.958   -14.919 1.00 73.25  ? 11  DT  A OP2   1 
ATOM   214 O "O5'" . DT  A 1 11 ? -5.778  2.779   -14.224 1.00 58.51  ? 11  DT  A "O5'" 1 
ATOM   215 C "C5'" . DT  A 1 11 ? -6.324  1.874   -13.285 1.00 58.84  ? 11  DT  A "C5'" 1 
ATOM   216 C "C4'" . DT  A 1 11 ? -7.162  0.866   -14.021 1.00 58.92  ? 11  DT  A "C4'" 1 
ATOM   217 O "O4'" . DT  A 1 11 ? -6.611  0.708   -15.349 1.00 61.15  ? 11  DT  A "O4'" 1 
ATOM   218 C "C3'" . DT  A 1 11 ? -7.128  -0.515  -13.384 1.00 60.35  ? 11  DT  A "C3'" 1 
ATOM   219 O "O3'" . DT  A 1 11 ? -8.412  -1.116  -13.515 1.00 63.04  ? 11  DT  A "O3'" 1 
ATOM   220 C "C2'" . DT  A 1 11 ? -6.020  -1.228  -14.141 1.00 64.32  ? 11  DT  A "C2'" 1 
ATOM   221 C "C1'" . DT  A 1 11 ? -6.079  -0.598  -15.523 1.00 58.68  ? 11  DT  A "C1'" 1 
ATOM   222 N N1    . DT  A 1 11 ? -4.779  -0.473  -16.223 1.00 56.85  ? 11  DT  A N1    1 
ATOM   223 C C2    . DT  A 1 11 ? -4.399  -1.494  -17.065 1.00 57.15  ? 11  DT  A C2    1 
ATOM   224 O O2    . DT  A 1 11 ? -5.072  -2.493  -17.248 1.00 63.89  ? 11  DT  A O2    1 
ATOM   225 N N3    . DT  A 1 11 ? -3.194  -1.299  -17.692 1.00 52.10  ? 11  DT  A N3    1 
ATOM   226 C C4    . DT  A 1 11 ? -2.365  -0.202  -17.583 1.00 57.34  ? 11  DT  A C4    1 
ATOM   227 O O4    . DT  A 1 11 ? -1.313  -0.164  -18.217 1.00 61.05  ? 11  DT  A O4    1 
ATOM   228 C C5    . DT  A 1 11 ? -2.827  0.833   -16.687 1.00 57.81  ? 11  DT  A C5    1 
ATOM   229 C C7    . DT  A 1 11 ? -1.986  2.056   -16.496 1.00 60.66  ? 11  DT  A C7    1 
ATOM   230 C C6    . DT  A 1 11 ? -3.996  0.649   -16.060 1.00 54.94  ? 11  DT  A C6    1 
ATOM   231 P P     . DA  A 1 12 ? -9.079  -1.552  -12.157 1.00 68.10  ? 12  DA  A P     1 
ATOM   232 O OP1   . DA  A 1 12 ? -10.356 -2.288  -12.380 1.00 63.79  ? 12  DA  A OP1   1 
ATOM   233 O OP2   . DA  A 1 12 ? -9.044  -0.369  -11.256 1.00 69.13  ? 12  DA  A OP2   1 
ATOM   234 O "O5'" . DA  A 1 12 ? -7.961  -2.579  -11.686 1.00 65.06  ? 12  DA  A "O5'" 1 
ATOM   235 C "C5'" . DA  A 1 12 ? -8.324  -3.832  -11.091 1.00 60.85  ? 12  DA  A "C5'" 1 
ATOM   236 C "C4'" . DA  A 1 12 ? -7.230  -4.845  -11.322 1.00 58.11  ? 12  DA  A "C4'" 1 
ATOM   237 O "O4'" . DA  A 1 12 ? -6.436  -4.501  -12.484 1.00 56.06  ? 12  DA  A "O4'" 1 
ATOM   238 C "C3'" . DA  A 1 12 ? -6.233  -5.003  -10.167 1.00 55.13  ? 12  DA  A "C3'" 1 
ATOM   239 O "O3'" . DA  A 1 12 ? -6.402  -6.300  -9.593  1.00 52.83  ? 12  DA  A "O3'" 1 
ATOM   240 C "C2'" . DA  A 1 12 ? -4.873  -4.942  -10.847 1.00 55.66  ? 12  DA  A "C2'" 1 
ATOM   241 C "C1'" . DA  A 1 12 ? -5.226  -5.186  -12.305 1.00 50.71  ? 12  DA  A "C1'" 1 
ATOM   242 N N9    . DA  A 1 12 ? -4.257  -4.704  -13.288 1.00 47.85  ? 12  DA  A N9    1 
ATOM   243 C C8    . DA  A 1 12 ? -3.448  -3.599  -13.222 1.00 47.62  ? 12  DA  A C8    1 
ATOM   244 N N7    . DA  A 1 12 ? -2.624  -3.486  -14.237 1.00 46.96  ? 12  DA  A N7    1 
ATOM   245 C C5    . DA  A 1 12 ? -2.897  -4.602  -15.013 1.00 42.01  ? 12  DA  A C5    1 
ATOM   246 C C6    . DA  A 1 12 ? -2.357  -5.067  -16.224 1.00 41.89  ? 12  DA  A C6    1 
ATOM   247 N N6    . DA  A 1 12 ? -1.398  -4.434  -16.901 1.00 40.47  ? 12  DA  A N6    1 
ATOM   248 N N1    . DA  A 1 12 ? -2.848  -6.217  -16.729 1.00 44.44  ? 12  DA  A N1    1 
ATOM   249 C C2    . DA  A 1 12 ? -3.819  -6.847  -16.058 1.00 45.95  ? 12  DA  A C2    1 
ATOM   250 N N3    . DA  A 1 12 ? -4.405  -6.513  -14.912 1.00 44.99  ? 12  DA  A N3    1 
ATOM   251 C C4    . DA  A 1 12 ? -3.892  -5.367  -14.435 1.00 44.05  ? 12  DA  A C4    1 
ATOM   252 P P     . DG  A 1 13 ? -6.903  -6.532  -8.098  1.00 54.00  ? 13  DG  A P     1 
ATOM   253 O OP1   . DG  A 1 13 ? -6.807  -7.980  -7.780  1.00 55.72  ? 13  DG  A OP1   1 
ATOM   254 O OP2   . DG  A 1 13 ? -8.185  -5.842  -7.836  1.00 58.24  ? 13  DG  A OP2   1 
ATOM   255 O "O5'" . DG  A 1 13 ? -5.759  -5.692  -7.379  1.00 53.75  ? 13  DG  A "O5'" 1 
ATOM   256 C "C5'" . DG  A 1 13 ? -4.748  -6.333  -6.591  1.00 48.69  ? 13  DG  A "C5'" 1 
ATOM   257 C "C4'" . DG  A 1 13 ? -5.213  -6.510  -5.164  1.00 44.96  ? 13  DG  A "C4'" 1 
ATOM   258 O "O4'" . DG  A 1 13 ? -4.041  -6.809  -4.375  1.00 47.08  ? 13  DG  A "O4'" 1 
ATOM   259 C "C3'" . DG  A 1 13 ? -5.844  -5.273  -4.520  1.00 43.98  ? 13  DG  A "C3'" 1 
ATOM   260 O "O3'" . DG  A 1 13 ? -6.850  -5.563  -3.543  1.00 44.87  ? 13  DG  A "O3'" 1 
ATOM   261 C "C2'" . DG  A 1 13 ? -4.694  -4.670  -3.748  1.00 42.75  ? 13  DG  A "C2'" 1 
ATOM   262 C "C1'" . DG  A 1 13 ? -3.982  -5.913  -3.287  1.00 41.43  ? 13  DG  A "C1'" 1 
ATOM   263 N N9    . DG  A 1 13 ? -2.580  -5.699  -2.953  1.00 39.68  ? 13  DG  A N9    1 
ATOM   264 C C8    . DG  A 1 13 ? -1.590  -5.159  -3.738  1.00 37.65  ? 13  DG  A C8    1 
ATOM   265 N N7    . DG  A 1 13 ? -0.438  -5.092  -3.130  1.00 35.06  ? 13  DG  A N7    1 
ATOM   266 C C5    . DG  A 1 13 ? -0.688  -5.607  -1.865  1.00 37.16  ? 13  DG  A C5    1 
ATOM   267 C C6    . DG  A 1 13 ? 0.174   -5.778  -0.755  1.00 40.18  ? 13  DG  A C6    1 
ATOM   268 O O6    . DG  A 1 13 ? 1.376   -5.492  -0.656  1.00 44.10  ? 13  DG  A O6    1 
ATOM   269 N N1    . DG  A 1 13 ? -0.495  -6.334  0.329   1.00 38.24  ? 13  DG  A N1    1 
ATOM   270 C C2    . DG  A 1 13 ? -1.820  -6.679  0.345   1.00 37.26  ? 13  DG  A C2    1 
ATOM   271 N N2    . DG  A 1 13 ? -2.281  -7.209  1.487   1.00 38.03  ? 13  DG  A N2    1 
ATOM   272 N N3    . DG  A 1 13 ? -2.632  -6.532  -0.683  1.00 36.86  ? 13  DG  A N3    1 
ATOM   273 C C4    . DG  A 1 13 ? -2.006  -5.983  -1.742  1.00 36.50  ? 13  DG  A C4    1 
ATOM   274 P P     . DG  A 1 14 ? -7.899  -4.387  -3.165  1.00 51.32  ? 14  DG  A P     1 
ATOM   275 O OP1   . DG  A 1 14 ? -9.188  -4.753  -3.808  1.00 50.94  ? 14  DG  A OP1   1 
ATOM   276 O OP2   . DG  A 1 14 ? -7.317  -3.034  -3.426  1.00 46.25  ? 14  DG  A OP2   1 
ATOM   277 O "O5'" . DG  A 1 14 ? -8.093  -4.491  -1.587  1.00 46.67  ? 14  DG  A "O5'" 1 
ATOM   278 C "C5'" . DG  A 1 14 ? -8.338  -5.754  -0.959  1.00 45.38  ? 14  DG  A "C5'" 1 
ATOM   279 C "C4'" . DG  A 1 14 ? -8.021  -5.667  0.514   1.00 45.10  ? 14  DG  A "C4'" 1 
ATOM   280 O "O4'" . DG  A 1 14 ? -6.636  -6.012  0.733   1.00 47.37  ? 14  DG  A "O4'" 1 
ATOM   281 C "C3'" . DG  A 1 14 ? -8.173  -4.274  1.109   1.00 46.14  ? 14  DG  A "C3'" 1 
ATOM   282 O "O3'" . DG  A 1 14 ? -9.501  -4.092  1.599   1.00 46.72  ? 14  DG  A "O3'" 1 
ATOM   283 C "C2'" . DG  A 1 14 ? -7.211  -4.314  2.282   1.00 46.99  ? 14  DG  A "C2'" 1 
ATOM   284 C "C1'" . DG  A 1 14 ? -6.107  -5.251  1.815   1.00 43.47  ? 14  DG  A "C1'" 1 
ATOM   285 N N9    . DG  A 1 14 ? -4.909  -4.563  1.347   1.00 39.77  ? 14  DG  A N9    1 
ATOM   286 C C8    . DG  A 1 14 ? -4.669  -4.052  0.095   1.00 39.67  ? 14  DG  A C8    1 
ATOM   287 N N7    . DG  A 1 14 ? -3.506  -3.469  -0.007  1.00 38.68  ? 14  DG  A N7    1 
ATOM   288 C C5    . DG  A 1 14 ? -2.941  -3.610  1.254   1.00 37.75  ? 14  DG  A C5    1 
ATOM   289 C C6    . DG  A 1 14 ? -1.683  -3.186  1.748   1.00 39.56  ? 14  DG  A C6    1 
ATOM   290 O O6    . DG  A 1 14 ? -0.780  -2.584  1.149   1.00 40.22  ? 14  DG  A O6    1 
ATOM   291 N N1    . DG  A 1 14 ? -1.524  -3.520  3.089   1.00 38.46  ? 14  DG  A N1    1 
ATOM   292 C C2    . DG  A 1 14 ? -2.452  -4.180  3.853   1.00 38.83  ? 14  DG  A C2    1 
ATOM   293 N N2    . DG  A 1 14 ? -2.115  -4.415  5.127   1.00 38.14  ? 14  DG  A N2    1 
ATOM   294 N N3    . DG  A 1 14 ? -3.625  -4.582  3.403   1.00 39.82  ? 14  DG  A N3    1 
ATOM   295 C C4    . DG  A 1 14 ? -3.801  -4.270  2.103   1.00 38.11  ? 14  DG  A C4    1 
ATOM   296 P P     . DG  A 1 15 ? -10.075 -2.645  1.977   1.00 52.08  ? 15  DG  A P     1 
ATOM   297 O OP1   . DG  A 1 15 ? -11.547 -2.822  1.868   1.00 52.07  ? 15  DG  A OP1   1 
ATOM   298 O OP2   . DG  A 1 15 ? -9.414  -1.574  1.175   1.00 48.71  ? 15  DG  A OP2   1 
ATOM   299 O "O5'" . DG  A 1 15 ? -9.675  -2.393  3.501   1.00 48.18  ? 15  DG  A "O5'" 1 
ATOM   300 C "C5'" . DG  A 1 15 ? -9.592  -3.474  4.456   1.00 47.81  ? 15  DG  A "C5'" 1 
ATOM   301 C "C4'" . DG  A 1 15 ? -8.971  -3.006  5.755   1.00 47.10  ? 15  DG  A "C4'" 1 
ATOM   302 O "O4'" . DG  A 1 15 ? -7.527  -2.973  5.665   1.00 46.91  ? 15  DG  A "O4'" 1 
ATOM   303 C "C3'" . DG  A 1 15 ? -9.397  -1.616  6.215   1.00 48.14  ? 15  DG  A "C3'" 1 
ATOM   304 O "O3'" . DG  A 1 15 ? -9.643  -1.644  7.619   1.00 52.45  ? 15  DG  A "O3'" 1 
ATOM   305 C "C2'" . DG  A 1 15 ? -8.212  -0.731  5.868   1.00 46.13  ? 15  DG  A "C2'" 1 
ATOM   306 C "C1'" . DG  A 1 15 ? -7.019  -1.668  5.910   1.00 43.14  ? 15  DG  A "C1'" 1 
ATOM   307 N N9    . DG  A 1 15 ? -6.039  -1.367  4.875   1.00 40.71  ? 15  DG  A N9    1 
ATOM   308 C C8    . DG  A 1 15 ? -6.281  -1.251  3.528   1.00 41.84  ? 15  DG  A C8    1 
ATOM   309 N N7    . DG  A 1 15 ? -5.214  -0.955  2.837   1.00 40.17  ? 15  DG  A N7    1 
ATOM   310 C C5    . DG  A 1 15 ? -4.208  -0.860  3.786   1.00 40.31  ? 15  DG  A C5    1 
ATOM   311 C C6    . DG  A 1 15 ? -2.829  -0.559  3.635   1.00 41.74  ? 15  DG  A C6    1 
ATOM   312 O O6    . DG  A 1 15 ? -2.202  -0.301  2.599   1.00 40.53  ? 15  DG  A O6    1 
ATOM   313 N N1    . DG  A 1 15 ? -2.170  -0.567  4.859   1.00 41.70  ? 15  DG  A N1    1 
ATOM   314 C C2    . DG  A 1 15 ? -2.760  -0.821  6.071   1.00 40.65  ? 15  DG  A C2    1 
ATOM   315 N N2    . DG  A 1 15 ? -1.958  -0.762  7.138   1.00 43.08  ? 15  DG  A N2    1 
ATOM   316 N N3    . DG  A 1 15 ? -4.040  -1.115  6.224   1.00 39.71  ? 15  DG  A N3    1 
ATOM   317 C C4    . DG  A 1 15 ? -4.700  -1.113  5.049   1.00 39.25  ? 15  DG  A C4    1 
ATOM   318 P P     . DT  A 1 16 ? -10.646 -0.574  8.243   1.00 57.32  ? 16  DT  A P     1 
ATOM   319 O OP1   . DT  A 1 16 ? -10.531 0.707   7.505   1.00 54.66  ? 16  DT  A OP1   1 
ATOM   320 O OP2   . DT  A 1 16 ? -10.388 -0.605  9.698   1.00 58.52  ? 16  DT  A OP2   1 
ATOM   321 O "O5'" . DT  A 1 16 ? -12.080 -1.193  7.931   1.00 62.62  ? 16  DT  A "O5'" 1 
ATOM   322 C "C5'" . DT  A 1 16 ? -12.604 -2.301  8.696   1.00 80.99  ? 16  DT  A "C5'" 1 
ATOM   323 C "C4'" . DT  A 1 16 ? -14.112 -2.227  8.782   1.00 92.59  ? 16  DT  A "C4'" 1 
ATOM   324 O "O4'" . DT  A 1 16 ? -14.484 -1.241  9.768   1.00 101.26 ? 16  DT  A "O4'" 1 
ATOM   325 C "C3'" . DT  A 1 16 ? -14.808 -1.794  7.494   1.00 97.48  ? 16  DT  A "C3'" 1 
ATOM   326 O "O3'" . DT  A 1 16 ? -15.189 -2.943  6.725   1.00 97.72  ? 16  DT  A "O3'" 1 
ATOM   327 C "C2'" . DT  A 1 16 ? -16.031 -1.029  7.977   1.00 102.53 ? 16  DT  A "C2'" 1 
ATOM   328 C "C1'" . DT  A 1 16 ? -15.760 -0.708  9.450   1.00 106.29 ? 16  DT  A "C1'" 1 
ATOM   329 N N1    . DT  A 1 16 ? -15.745 0.736   9.775   1.00 112.32 ? 16  DT  A N1    1 
ATOM   330 C C2    . DT  A 1 16 ? -16.784 1.251   10.521  1.00 118.54 ? 16  DT  A C2    1 
ATOM   331 O O2    . DT  A 1 16 ? -17.715 0.573   10.927  1.00 120.36 ? 16  DT  A O2    1 
ATOM   332 N N3    . DT  A 1 16 ? -16.689 2.596   10.779  1.00 119.13 ? 16  DT  A N3    1 
ATOM   333 C C4    . DT  A 1 16 ? -15.685 3.457   10.373  1.00 117.43 ? 16  DT  A C4    1 
ATOM   334 O O4    . DT  A 1 16 ? -15.737 4.645   10.680  1.00 122.60 ? 16  DT  A O4    1 
ATOM   335 C C5    . DT  A 1 16 ? -14.629 2.849   9.596   1.00 115.22 ? 16  DT  A C5    1 
ATOM   336 C C7    . DT  A 1 16 ? -13.499 3.703   9.114   1.00 117.75 ? 16  DT  A C7    1 
ATOM   337 C C6    . DT  A 1 16 ? -14.712 1.537   9.339   1.00 111.66 ? 16  DT  A C6    1 
ATOM   338 P P     . DT  A 1 17 ? -15.318 -2.907  5.122   1.00 98.03  ? 17  DT  A P     1 
ATOM   339 O OP1   . DT  A 1 17 ? -14.293 -1.985  4.559   1.00 94.32  ? 17  DT  A OP1   1 
ATOM   340 O OP2   . DT  A 1 17 ? -16.745 -2.688  4.781   1.00 102.05 ? 17  DT  A OP2   1 
ATOM   341 O "O5'" . DT  A 1 17 ? -14.967 -4.399  4.680   1.00 92.81  ? 17  DT  A "O5'" 1 
ATOM   342 C "C5'" . DT  A 1 17 ? -14.360 -5.340  5.590   1.00 90.20  ? 17  DT  A "C5'" 1 
ATOM   343 C "C4'" . DT  A 1 17 ? -12.881 -5.463  5.307   1.00 89.27  ? 17  DT  A "C4'" 1 
ATOM   344 O "O4'" . DT  A 1 17 ? -12.130 -4.933  6.425   1.00 88.39  ? 17  DT  A "O4'" 1 
ATOM   345 C "C3'" . DT  A 1 17 ? -12.373 -6.890  5.115   1.00 88.82  ? 17  DT  A "C3'" 1 
ATOM   346 O "O3'" . DT  A 1 17 ? -11.271 -6.922  4.199   1.00 91.28  ? 17  DT  A "O3'" 1 
ATOM   347 C "C2'" . DT  A 1 17 ? -11.919 -7.273  6.509   1.00 88.35  ? 17  DT  A "C2'" 1 
ATOM   348 C "C1'" . DT  A 1 17 ? -11.376 -5.960  7.051   1.00 87.39  ? 17  DT  A "C1'" 1 
ATOM   349 N N1    . DT  A 1 17 ? -11.520 -5.800  8.510   1.00 92.81  ? 17  DT  A N1    1 
ATOM   350 C C2    . DT  A 1 17 ? -10.407 -5.461  9.248   1.00 96.70  ? 17  DT  A C2    1 
ATOM   351 O O2    . DT  A 1 17 ? -9.305  -5.283  8.753   1.00 98.75  ? 17  DT  A O2    1 
ATOM   352 N N3    . DT  A 1 17 ? -10.634 -5.330  10.597  1.00 98.10  ? 17  DT  A N3    1 
ATOM   353 C C4    . DT  A 1 17 ? -11.833 -5.506  11.264  1.00 96.51  ? 17  DT  A C4    1 
ATOM   354 O O4    . DT  A 1 17 ? -11.882 -5.358  12.483  1.00 101.17 ? 17  DT  A O4    1 
ATOM   355 C C5    . DT  A 1 17 ? -12.957 -5.863  10.427  1.00 92.82  ? 17  DT  A C5    1 
ATOM   356 C C7    . DT  A 1 17 ? -14.296 -6.077  11.059  1.00 94.14  ? 17  DT  A C7    1 
ATOM   357 C C6    . DT  A 1 17 ? -12.746 -5.987  9.111   1.00 91.88  ? 17  DT  A C6    1 
ATOM   358 P P     . DA  A 1 18 ? -10.676 -8.303  3.620   1.00 94.22  ? 18  DA  A P     1 
ATOM   359 O OP1   . DA  A 1 18 ? -9.954  -8.002  2.359   1.00 90.72  ? 18  DA  A OP1   1 
ATOM   360 O OP2   . DA  A 1 18 ? -11.780 -9.299  3.606   1.00 100.38 ? 18  DA  A OP2   1 
ATOM   361 O "O5'" . DA  A 1 18 ? -9.617  -8.799  4.706   1.00 89.08  ? 18  DA  A "O5'" 1 
ATOM   362 C "C5'" . DA  A 1 18 ? -8.769  -7.864  5.401   1.00 84.77  ? 18  DA  A "C5'" 1 
ATOM   363 C "C4'" . DA  A 1 18 ? -8.212  -8.466  6.671   1.00 82.60  ? 18  DA  A "C4'" 1 
ATOM   364 O "O4'" . DA  A 1 18 ? -9.077  -8.217  7.804   1.00 85.65  ? 18  DA  A "O4'" 1 
ATOM   365 C "C3'" . DA  A 1 18 ? -7.965  -9.978  6.645   1.00 80.81  ? 18  DA  A "C3'" 1 
ATOM   366 O "O3'" . DA  A 1 18 ? -6.600  -10.214 7.008   1.00 75.72  ? 18  DA  A "O3'" 1 
ATOM   367 C "C2'" . DA  A 1 18 ? -8.874  -10.516 7.741   1.00 84.65  ? 18  DA  A "C2'" 1 
ATOM   368 C "C1'" . DA  A 1 18 ? -8.956  -9.323  8.672   1.00 90.68  ? 18  DA  A "C1'" 1 
ATOM   369 N N9    . DA  A 1 18 ? -10.070 -9.285  9.624   1.00 103.08 ? 18  DA  A N9    1 
ATOM   370 C C8    . DA  A 1 18 ? -10.070 -8.646  10.841  1.00 106.95 ? 18  DA  A C8    1 
ATOM   371 N N7    . DA  A 1 18 ? -11.192 -8.773  11.507  1.00 109.35 ? 18  DA  A N7    1 
ATOM   372 C C5    . DA  A 1 18 ? -11.988 -9.550  10.674  1.00 110.16 ? 18  DA  A C5    1 
ATOM   373 C C6    . DA  A 1 18 ? -13.301 -10.038 10.805  1.00 110.56 ? 18  DA  A C6    1 
ATOM   374 N N6    . DA  A 1 18 ? -14.075 -9.806  11.869  1.00 113.73 ? 18  DA  A N6    1 
ATOM   375 N N1    . DA  A 1 18 ? -13.799 -10.783 9.794   1.00 106.11 ? 18  DA  A N1    1 
ATOM   376 C C2    . DA  A 1 18 ? -13.019 -11.020 8.729   1.00 104.59 ? 18  DA  A C2    1 
ATOM   377 N N3    . DA  A 1 18 ? -11.772 -10.617 8.490   1.00 105.09 ? 18  DA  A N3    1 
ATOM   378 C C4    . DA  A 1 18 ? -11.308 -9.876  9.512   1.00 107.93 ? 18  DA  A C4    1 
ATOM   379 P P     . DG  A 1 19 ? -5.365  -10.115 5.990   1.00 69.30  ? 19  DG  A P     1 
ATOM   380 O OP1   . DG  A 1 19 ? -5.674  -9.155  4.898   1.00 65.08  ? 19  DG  A OP1   1 
ATOM   381 O OP2   . DG  A 1 19 ? -4.976  -11.511 5.656   1.00 63.63  ? 19  DG  A OP2   1 
ATOM   382 O "O5'" . DG  A 1 19 ? -4.234  -9.461  6.906   1.00 62.74  ? 19  DG  A "O5'" 1 
ATOM   383 C "C5'" . DG  A 1 19 ? -3.801  -10.104 8.121   1.00 55.40  ? 19  DG  A "C5'" 1 
ATOM   384 C "C4'" . DG  A 1 19 ? -2.484  -9.529  8.589   1.00 50.41  ? 19  DG  A "C4'" 1 
ATOM   385 O "O4'" . DG  A 1 19 ? -1.587  -9.317  7.468   1.00 54.80  ? 19  DG  A "O4'" 1 
ATOM   386 C "C3'" . DG  A 1 19 ? -2.586  -8.182  9.304   1.00 48.90  ? 19  DG  A "C3'" 1 
ATOM   387 O "O3'" . DG  A 1 19 ? -1.639  -8.186  10.369  1.00 49.82  ? 19  DG  A "O3'" 1 
ATOM   388 C "C2'" . DG  A 1 19 ? -2.093  -7.195  8.264   1.00 48.63  ? 19  DG  A "C2'" 1 
ATOM   389 C "C1'" . DG  A 1 19 ? -1.029  -8.019  7.573   1.00 46.87  ? 19  DG  A "C1'" 1 
ATOM   390 N N9    . DG  A 1 19 ? -0.695  -7.554  6.234   1.00 44.61  ? 19  DG  A N9    1 
ATOM   391 C C8    . DG  A 1 19 ? -1.484  -7.613  5.112   1.00 44.25  ? 19  DG  A C8    1 
ATOM   392 N N7    . DG  A 1 19 ? -0.921  -7.084  4.061   1.00 43.92  ? 19  DG  A N7    1 
ATOM   393 C C5    . DG  A 1 19 ? 0.315   -6.645  4.519   1.00 46.41  ? 19  DG  A C5    1 
ATOM   394 C C6    . DG  A 1 19 ? 1.365   -5.976  3.837   1.00 46.80  ? 19  DG  A C6    1 
ATOM   395 O O6    . DG  A 1 19 ? 1.425   -5.642  2.646   1.00 47.34  ? 19  DG  A O6    1 
ATOM   396 N N1    . DG  A 1 19 ? 2.433   -5.705  4.682   1.00 49.48  ? 19  DG  A N1    1 
ATOM   397 C C2    . DG  A 1 19 ? 2.483   -6.019  6.017   1.00 49.55  ? 19  DG  A C2    1 
ATOM   398 N N2    . DG  A 1 19 ? 3.602   -5.665  6.667   1.00 52.30  ? 19  DG  A N2    1 
ATOM   399 N N3    . DG  A 1 19 ? 1.510   -6.637  6.668   1.00 48.93  ? 19  DG  A N3    1 
ATOM   400 C C4    . DG  A 1 19 ? 0.464   -6.917  5.861   1.00 47.18  ? 19  DG  A C4    1 
ATOM   401 P P     . DG  A 1 20 ? -1.637  -7.086  11.513  1.00 54.17  ? 20  DG  A P     1 
ATOM   402 O OP1   . DG  A 1 20 ? -1.242  -7.821  12.746  1.00 54.28  ? 20  DG  A OP1   1 
ATOM   403 O OP2   . DG  A 1 20 ? -2.865  -6.238  11.475  1.00 49.96  ? 20  DG  A OP2   1 
ATOM   404 O "O5'" . DG  A 1 20 ? -0.430  -6.136  11.120  1.00 50.02  ? 20  DG  A "O5'" 1 
ATOM   405 C "C5'" . DG  A 1 20 ? 0.920   -6.593  11.211  1.00 46.90  ? 20  DG  A "C5'" 1 
ATOM   406 C "C4'" . DG  A 1 20 ? 1.826   -5.389  11.231  1.00 47.20  ? 20  DG  A "C4'" 1 
ATOM   407 O "O4'" . DG  A 1 20 ? 2.086   -4.944  9.878   1.00 48.04  ? 20  DG  A "O4'" 1 
ATOM   408 C "C3'" . DG  A 1 20 ? 1.246   -4.182  11.969  1.00 48.61  ? 20  DG  A "C3'" 1 
ATOM   409 O "O3'" . DG  A 1 20 ? 2.318   -3.659  12.761  1.00 52.16  ? 20  DG  A "O3'" 1 
ATOM   410 C "C2'" . DG  A 1 20 ? 0.763   -3.274  10.847  1.00 46.73  ? 20  DG  A "C2'" 1 
ATOM   411 C "C1'" . DG  A 1 20 ? 1.756   -3.571  9.736   1.00 44.86  ? 20  DG  A "C1'" 1 
ATOM   412 N N9    . DG  A 1 20 ? 1.258   -3.381  8.378   1.00 39.94  ? 20  DG  A N9    1 
ATOM   413 C C8    . DG  A 1 20 ? 0.035   -3.770  7.898   1.00 40.11  ? 20  DG  A C8    1 
ATOM   414 N N7    . DG  A 1 20 ? -0.125  -3.506  6.631   1.00 39.76  ? 20  DG  A N7    1 
ATOM   415 C C5    . DG  A 1 20 ? 1.072   -2.922  6.248   1.00 39.80  ? 20  DG  A C5    1 
ATOM   416 C C6    . DG  A 1 20 ? 1.492   -2.426  4.985   1.00 45.16  ? 20  DG  A C6    1 
ATOM   417 O O6    . DG  A 1 20 ? 0.870   -2.409  3.911   1.00 49.13  ? 20  DG  A O6    1 
ATOM   418 N N1    . DG  A 1 20 ? 2.780   -1.910  5.042   1.00 44.42  ? 20  DG  A N1    1 
ATOM   419 C C2    . DG  A 1 20 ? 3.569   -1.881  6.161   1.00 40.81  ? 20  DG  A C2    1 
ATOM   420 N N2    . DG  A 1 20 ? 4.785   -1.342  6.005   1.00 39.58  ? 20  DG  A N2    1 
ATOM   421 N N3    . DG  A 1 20 ? 3.193   -2.345  7.342   1.00 40.38  ? 20  DG  A N3    1 
ATOM   422 C C4    . DG  A 1 20 ? 1.939   -2.841  7.314   1.00 38.47  ? 20  DG  A C4    1 
ATOM   423 P P     . DG  A 1 21 ? 2.296   -2.297  13.584  1.00 51.25  ? 21  DG  A P     1 
ATOM   424 O OP1   . DG  A 1 21 ? 3.351   -2.474  14.609  1.00 50.69  ? 21  DG  A OP1   1 
ATOM   425 O OP2   . DG  A 1 21 ? 0.892   -2.004  13.970  1.00 50.18  ? 21  DG  A OP2   1 
ATOM   426 O "O5'" . DG  A 1 21 ? 2.829   -1.188  12.572  1.00 52.17  ? 21  DG  A "O5'" 1 
ATOM   427 C "C5'" . DG  A 1 21 ? 4.214   -1.163  12.153  1.00 49.35  ? 21  DG  A "C5'" 1 
ATOM   428 C "C4'" . DG  A 1 21 ? 4.593   0.210   11.640  1.00 49.64  ? 21  DG  A "C4'" 1 
ATOM   429 O "O4'" . DG  A 1 21 ? 4.267   0.342   10.234  1.00 50.08  ? 21  DG  A "O4'" 1 
ATOM   430 C "C3'" . DG  A 1 21 ? 3.917   1.394   12.332  1.00 48.52  ? 21  DG  A "C3'" 1 
ATOM   431 O "O3'" . DG  A 1 21 ? 4.892   2.431   12.478  1.00 48.64  ? 21  DG  A "O3'" 1 
ATOM   432 C "C2'" . DG  A 1 21 ? 2.812   1.784   11.362  1.00 46.00  ? 21  DG  A "C2'" 1 
ATOM   433 C "C1'" . DG  A 1 21 ? 3.455   1.487   10.021  1.00 43.12  ? 21  DG  A "C1'" 1 
ATOM   434 N N9    . DG  A 1 21 ? 2.525   1.165   8.947   1.00 39.39  ? 21  DG  A N9    1 
ATOM   435 C C8    . DG  A 1 21 ? 1.342   0.477   9.057   1.00 38.43  ? 21  DG  A C8    1 
ATOM   436 N N7    . DG  A 1 21 ? 0.737   0.315   7.912   1.00 36.48  ? 21  DG  A N7    1 
ATOM   437 C C5    . DG  A 1 21 ? 1.587   0.906   6.988   1.00 33.23  ? 21  DG  A C5    1 
ATOM   438 C C6    . DG  A 1 21 ? 1.468   1.030   5.587   1.00 33.81  ? 21  DG  A C6    1 
ATOM   439 O O6    . DG  A 1 21 ? 0.562   0.619   4.851   1.00 35.10  ? 21  DG  A O6    1 
ATOM   440 N N1    . DG  A 1 21 ? 2.554   1.701   5.041   1.00 32.80  ? 21  DG  A N1    1 
ATOM   441 C C2    . DG  A 1 21 ? 3.619   2.190   5.751   1.00 32.04  ? 21  DG  A C2    1 
ATOM   442 N N2    . DG  A 1 21 ? 4.569   2.817   5.040   1.00 31.44  ? 21  DG  A N2    1 
ATOM   443 N N3    . DG  A 1 21 ? 3.741   2.082   7.060   1.00 32.73  ? 21  DG  A N3    1 
ATOM   444 C C4    . DG  A 1 21 ? 2.696   1.431   7.610   1.00 34.34  ? 21  DG  A C4    1 
HETATM 445 K K     . K   B 2 .  ? 0.556   -0.109  2.339   1.00 38.86  ? 101 K   A K     1 
HETATM 446 K K     . K   C 2 .  ? 1.835   -3.005  1.515   1.00 34.71  ? 102 K   A K     1 
HETATM 447 K K     . K   D 2 .  ? 3.423   -6.201  0.803   0.50 42.32  ? 103 K   A K     1 
HETATM 448 C CAA   . R8G E 3 .  ? -10.289 0.779   -5.068  1.00 65.81  ? 104 R8G A CAA   1 
HETATM 449 C CAB   . R8G E 3 .  ? 10.321  7.773   7.441   1.00 70.60  ? 104 R8G A CAB   1 
HETATM 450 C CAC   . R8G E 3 .  ? -6.553  5.809   10.469  1.00 74.79  ? 104 R8G A CAC   1 
HETATM 451 C CAD   . R8G E 3 .  ? 7.168   7.011   -8.425  1.00 69.70  ? 104 R8G A CAD   1 
HETATM 452 O OAE   . R8G E 3 .  ? -0.349  3.460   5.254   1.00 35.45  ? 104 R8G A OAE   1 
HETATM 453 O OAF   . R8G E 3 .  ? -0.112  6.565   -2.253  1.00 39.37  ? 104 R8G A OAF   1 
HETATM 454 O OAG   . R8G E 3 .  ? -3.605  2.876   2.403   1.00 37.72  ? 104 R8G A OAG   1 
HETATM 455 O OAH   . R8G E 3 .  ? 3.185   7.142   0.728   1.00 38.41  ? 104 R8G A OAH   1 
HETATM 456 C CAI   . R8G E 3 .  ? 1.193   4.938   3.601   1.00 35.93  ? 104 R8G A CAI   1 
HETATM 457 C CAJ   . R8G E 3 .  ? -1.617  5.083   -0.547  1.00 34.10  ? 104 R8G A CAJ   1 
HETATM 458 C CAK   . R8G E 3 .  ? -5.827  3.415   -0.756  1.00 43.98  ? 104 R8G A CAK   1 
HETATM 459 C CAL   . R8G E 3 .  ? 4.273   7.083   4.941   1.00 53.29  ? 104 R8G A CAL   1 
HETATM 460 C CAM   . R8G E 3 .  ? -2.879  3.075   6.153   1.00 45.36  ? 104 R8G A CAM   1 
HETATM 461 C CAN   . R8G E 3 .  ? 2.925   7.035   -3.082  1.00 54.58  ? 104 R8G A CAN   1 
HETATM 462 C CAO   . R8G E 3 .  ? -4.515  4.205   -0.889  1.00 39.47  ? 104 R8G A CAO   1 
HETATM 463 C CAP   . R8G E 3 .  ? 3.850   5.847   4.156   1.00 45.76  ? 104 R8G A CAP   1 
HETATM 464 C CAQ   . R8G E 3 .  ? -6.563  3.457   -2.109  1.00 50.80  ? 104 R8G A CAQ   1 
HETATM 465 C CAR   . R8G E 3 .  ? 5.654   7.603   4.521   1.00 58.53  ? 104 R8G A CAR   1 
HETATM 466 C CAS   . R8G E 3 .  ? -4.350  3.118   6.584   1.00 55.25  ? 104 R8G A CAS   1 
HETATM 467 C CAT   . R8G E 3 .  ? 3.550   8.083   -4.060  1.00 58.49  ? 104 R8G A CAT   1 
HETATM 468 C CAU   . R8G E 3 .  ? -8.978  0.723   -3.012  1.00 63.71  ? 104 R8G A CAU   1 
HETATM 469 C CAV   . R8G E 3 .  ? -9.855  2.779   -3.733  1.00 63.92  ? 104 R8G A CAV   1 
HETATM 470 C CAW   . R8G E 3 .  ? 8.690   9.055   6.146   1.00 72.13  ? 104 R8G A CAW   1 
HETATM 471 C CAX   . R8G E 3 .  ? 7.990   7.124   7.415   1.00 68.22  ? 104 R8G A CAX   1 
HETATM 472 C CAY   . R8G E 3 .  ? -5.662  3.519   10.097  1.00 70.62  ? 104 R8G A CAY   1 
HETATM 473 C CAZ   . R8G E 3 .  ? -4.375  5.627   9.399   1.00 67.30  ? 104 R8G A CAZ   1 
HETATM 474 C CBA   . R8G E 3 .  ? 6.816   7.393   -6.037  1.00 70.39  ? 104 R8G A CBA   1 
HETATM 475 C CBB   . R8G E 3 .  ? 4.884   7.162   -7.578  1.00 70.20  ? 104 R8G A CBB   1 
HETATM 476 C CBC   . R8G E 3 .  ? -7.727  1.351   -2.380  1.00 59.97  ? 104 R8G A CBC   1 
HETATM 477 C CBD   . R8G E 3 .  ? -8.729  3.578   -3.045  1.00 60.16  ? 104 R8G A CBD   1 
HETATM 478 C CBE   . R8G E 3 .  ? 7.525   8.926   5.153   1.00 67.52  ? 104 R8G A CBE   1 
HETATM 479 C CBF   . R8G E 3 .  ? 6.722   6.966   6.567   1.00 65.22  ? 104 R8G A CBF   1 
HETATM 480 C CBG   . R8G E 3 .  ? -5.641  3.052   8.627   1.00 64.61  ? 104 R8G A CBG   1 
HETATM 481 C CBH   . R8G E 3 .  ? -4.514  5.090   7.977   1.00 65.72  ? 104 R8G A CBH   1 
HETATM 482 C CBI   . R8G E 3 .  ? 5.857   7.941   -4.932  1.00 71.62  ? 104 R8G A CBI   1 
HETATM 483 C CBJ   . R8G E 3 .  ? 3.940   7.759   -6.478  1.00 70.37  ? 104 R8G A CBJ   1 
HETATM 484 C CBK   . R8G E 3 .  ? -2.752  2.367   4.812   1.00 39.17  ? 104 R8G A CBK   1 
HETATM 485 C CBL   . R8G E 3 .  ? 2.341   7.732   -1.821  1.00 41.67  ? 104 R8G A CBL   1 
HETATM 486 N NBM   . R8G E 3 .  ? -3.556  3.774   0.155   1.00 37.73  ? 104 R8G A NBM   1 
HETATM 487 N NBN   . R8G E 3 .  ? 3.102   6.224   2.945   1.00 40.49  ? 104 R8G A NBN   1 
HETATM 488 C CBO   . R8G E 3 .  ? -2.343  4.333   0.390   1.00 35.40  ? 104 R8G A CBO   1 
HETATM 489 C CBP   . R8G E 3 .  ? 1.910   5.690   2.658   1.00 38.26  ? 104 R8G A CBP   1 
HETATM 490 C CBQ   . R8G E 3 .  ? -0.784  3.667   4.139   1.00 34.42  ? 104 R8G A CBQ   1 
HETATM 491 C CBR   . R8G E 3 .  ? 0.357   6.367   -1.135  1.00 36.66  ? 104 R8G A CBR   1 
HETATM 492 C CBS   . R8G E 3 .  ? -2.498  3.362   2.618   1.00 35.42  ? 104 R8G A CBS   1 
HETATM 493 C CBT   . R8G E 3 .  ? 2.084   6.678   0.423   1.00 38.14  ? 104 R8G A CBT   1 
HETATM 494 C CBU   . R8G E 3 .  ? -0.049  4.410   3.239   1.00 34.69  ? 104 R8G A CBU   1 
HETATM 495 C CBV   . R8G E 3 .  ? -0.374  5.613   -0.219  1.00 34.04  ? 104 R8G A CBV   1 
HETATM 496 C CBW   . R8G E 3 .  ? -1.809  4.097   1.652   1.00 34.02  ? 104 R8G A CBW   1 
HETATM 497 C CBX   . R8G E 3 .  ? 1.386   5.923   1.373   1.00 36.61  ? 104 R8G A CBX   1 
HETATM 498 C CBY   . R8G E 3 .  ? -0.569  4.626   1.968   1.00 34.47  ? 104 R8G A CBY   1 
HETATM 499 C CBZ   . R8G E 3 .  ? 0.143   5.387   1.039   1.00 34.84  ? 104 R8G A CBZ   1 
HETATM 500 N NCA   . R8G E 3 .  ? -9.328  1.498   -4.217  1.00 66.34  ? 104 R8G A NCA   1 
HETATM 501 N NCB   . R8G E 3 .  ? 9.085   7.721   6.642   1.00 71.90  ? 104 R8G A NCB   1 
HETATM 502 N NCC   . R8G E 3 .  ? -5.345  4.972   10.311  1.00 73.25  ? 104 R8G A NCC   1 
HETATM 503 N NCD   . R8G E 3 .  ? 6.291   7.623   -7.408  1.00 72.35  ? 104 R8G A NCD   1 
HETATM 504 N NCE   . R8G E 3 .  ? -7.885  2.807   -2.096  1.00 57.12  ? 104 R8G A NCE   1 
HETATM 505 N NCF   . R8G E 3 .  ? 6.397   8.118   5.683   1.00 63.57  ? 104 R8G A NCF   1 
HETATM 506 N NCG   . R8G E 3 .  ? -4.457  3.611   7.962   1.00 62.06  ? 104 R8G A NCG   1 
HETATM 507 N NCH   . R8G E 3 .  ? 4.442   7.496   -5.096  1.00 66.74  ? 104 R8G A NCH   1 
HETATM 508 N NCI   . R8G E 3 .  ? -1.979  3.169   3.830   1.00 36.04  ? 104 R8G A NCI   1 
HETATM 509 N NCJ   . R8G E 3 .  ? 1.575   6.885   -0.826  1.00 38.51  ? 104 R8G A NCJ   1 
HETATM 510 O O     . HOH F 4 .  ? 4.921   3.371   -4.492  1.00 39.97  ? 201 HOH A O     1 
HETATM 511 O O     . HOH F 4 .  ? 8.259   3.884   -7.816  1.00 46.53  ? 202 HOH A O     1 
HETATM 512 O O     . HOH F 4 .  ? 8.659   4.061   -4.797  1.00 50.47  ? 203 HOH A O     1 
HETATM 513 O O     . HOH F 4 .  ? 8.666   1.673   -2.549  1.00 39.62  ? 204 HOH A O     1 
HETATM 514 O O     . HOH F 4 .  ? -1.617  -7.817  -7.496  1.00 44.45  ? 205 HOH A O     1 
HETATM 515 O O     . HOH F 4 .  ? -3.438  -2.956  -7.718  1.00 53.47  ? 206 HOH A O     1 
HETATM 516 O O     . HOH F 4 .  ? -6.459  -0.142  -10.631 1.00 52.51  ? 207 HOH A O     1 
HETATM 517 O O     . HOH F 4 .  ? -3.793  -1.715  -10.869 1.00 52.22  ? 208 HOH A O     1 
# 
loop_
_pdbx_poly_seq_scheme.asym_id 
_pdbx_poly_seq_scheme.entity_id 
_pdbx_poly_seq_scheme.seq_id 
_pdbx_poly_seq_scheme.mon_id 
_pdbx_poly_seq_scheme.ndb_seq_num 
_pdbx_poly_seq_scheme.pdb_seq_num 
_pdbx_poly_seq_scheme.auth_seq_num 
_pdbx_poly_seq_scheme.pdb_mon_id 
_pdbx_poly_seq_scheme.auth_mon_id 
_pdbx_poly_seq_scheme.pdb_strand_id 
_pdbx_poly_seq_scheme.pdb_ins_code 
_pdbx_poly_seq_scheme.hetero 
A 1 1  DG 1  1  1  DG DG A . n 
A 1 2  DG 2  2  2  DG DG A . n 
A 1 3  DG 3  3  3  DG DG A . n 
A 1 4  DT 4  4  4  DT DT A . n 
A 1 5  DT 5  5  5  DT DT A . n 
A 1 6  DA 6  6  6  DA DA A . n 
A 1 7  DG 7  7  7  DG DG A . n 
A 1 8  DG 8  8  8  DG DG A . n 
A 1 9  DG 9  9  9  DG DG A . n 
A 1 10 DT 10 10 10 DT DT A . n 
A 1 11 DT 11 11 11 DT DT A . n 
A 1 12 DA 12 12 12 DA DA A . n 
A 1 13 DG 13 13 13 DG DG A . n 
A 1 14 DG 14 14 14 DG DG A . n 
A 1 15 DG 15 15 15 DG DG A . n 
A 1 16 DT 16 16 16 DT DT A . n 
A 1 17 DT 17 17 17 DT DT A . n 
A 1 18 DA 18 18 18 DA DA A . n 
A 1 19 DG 19 19 19 DG DG A . n 
A 1 20 DG 20 20 20 DG DG A . n 
A 1 21 DG 21 21 21 DG DG A . n 
# 
loop_
_pdbx_nonpoly_scheme.asym_id 
_pdbx_nonpoly_scheme.entity_id 
_pdbx_nonpoly_scheme.mon_id 
_pdbx_nonpoly_scheme.ndb_seq_num 
_pdbx_nonpoly_scheme.pdb_seq_num 
_pdbx_nonpoly_scheme.auth_seq_num 
_pdbx_nonpoly_scheme.pdb_mon_id 
_pdbx_nonpoly_scheme.auth_mon_id 
_pdbx_nonpoly_scheme.pdb_strand_id 
_pdbx_nonpoly_scheme.pdb_ins_code 
B 2 K   1 101 1  K   K   A . 
C 2 K   1 102 2  K   K   A . 
D 2 K   1 103 3  K   K   A . 
E 3 R8G 1 104 23 R8G R8G A . 
F 4 HOH 1 201 1  HOH HOH A . 
F 4 HOH 2 202 2  HOH HOH A . 
F 4 HOH 3 203 3  HOH HOH A . 
F 4 HOH 4 204 4  HOH HOH A . 
F 4 HOH 5 205 5  HOH HOH A . 
F 4 HOH 6 206 6  HOH HOH A . 
F 4 HOH 7 207 7  HOH HOH A . 
F 4 HOH 8 208 8  HOH HOH A . 
# 
_pdbx_struct_assembly.id                   1 
_pdbx_struct_assembly.details              author_and_software_defined_assembly 
_pdbx_struct_assembly.method_details       PISA 
_pdbx_struct_assembly.oligomeric_details   monomeric 
_pdbx_struct_assembly.oligomeric_count     1 
# 
_pdbx_struct_assembly_gen.assembly_id       1 
_pdbx_struct_assembly_gen.oper_expression   1 
_pdbx_struct_assembly_gen.asym_id_list      A,B,C,D,E,F 
# 
_pdbx_struct_oper_list.id                   1 
_pdbx_struct_oper_list.type                 'identity operation' 
_pdbx_struct_oper_list.name                 1_555 
_pdbx_struct_oper_list.symmetry_operation   x,y,z 
_pdbx_struct_oper_list.matrix[1][1]         1.0000000000 
_pdbx_struct_oper_list.matrix[1][2]         0.0000000000 
_pdbx_struct_oper_list.matrix[1][3]         0.0000000000 
_pdbx_struct_oper_list.vector[1]            0.0000000000 
_pdbx_struct_oper_list.matrix[2][1]         0.0000000000 
_pdbx_struct_oper_list.matrix[2][2]         1.0000000000 
_pdbx_struct_oper_list.matrix[2][3]         0.0000000000 
_pdbx_struct_oper_list.vector[2]            0.0000000000 
_pdbx_struct_oper_list.matrix[3][1]         0.0000000000 
_pdbx_struct_oper_list.matrix[3][2]         0.0000000000 
_pdbx_struct_oper_list.matrix[3][3]         1.0000000000 
_pdbx_struct_oper_list.vector[3]            0.0000000000 
# 
_pdbx_struct_special_symmetry.id              1 
_pdbx_struct_special_symmetry.PDB_model_num   1 
_pdbx_struct_special_symmetry.auth_asym_id    A 
_pdbx_struct_special_symmetry.auth_comp_id    K 
_pdbx_struct_special_symmetry.auth_seq_id     103 
_pdbx_struct_special_symmetry.PDB_ins_code    ? 
_pdbx_struct_special_symmetry.label_asym_id   D 
_pdbx_struct_special_symmetry.label_comp_id   K 
_pdbx_struct_special_symmetry.label_seq_id    . 
# 
loop_
_pdbx_struct_conn_angle.id 
_pdbx_struct_conn_angle.ptnr1_label_atom_id 
_pdbx_struct_conn_angle.ptnr1_label_alt_id 
_pdbx_struct_conn_angle.ptnr1_label_asym_id 
_pdbx_struct_conn_angle.ptnr1_label_comp_id 
_pdbx_struct_conn_angle.ptnr1_label_seq_id 
_pdbx_struct_conn_angle.ptnr1_auth_atom_id 
_pdbx_struct_conn_angle.ptnr1_auth_asym_id 
_pdbx_struct_conn_angle.ptnr1_auth_comp_id 
_pdbx_struct_conn_angle.ptnr1_auth_seq_id 
_pdbx_struct_conn_angle.ptnr1_PDB_ins_code 
_pdbx_struct_conn_angle.ptnr1_symmetry 
_pdbx_struct_conn_angle.ptnr2_label_atom_id 
_pdbx_struct_conn_angle.ptnr2_label_alt_id 
_pdbx_struct_conn_angle.ptnr2_label_asym_id 
_pdbx_struct_conn_angle.ptnr2_label_comp_id 
_pdbx_struct_conn_angle.ptnr2_label_seq_id 
_pdbx_struct_conn_angle.ptnr2_auth_atom_id 
_pdbx_struct_conn_angle.ptnr2_auth_asym_id 
_pdbx_struct_conn_angle.ptnr2_auth_comp_id 
_pdbx_struct_conn_angle.ptnr2_auth_seq_id 
_pdbx_struct_conn_angle.ptnr2_PDB_ins_code 
_pdbx_struct_conn_angle.ptnr2_symmetry 
_pdbx_struct_conn_angle.ptnr3_label_atom_id 
_pdbx_struct_conn_angle.ptnr3_label_alt_id 
_pdbx_struct_conn_angle.ptnr3_label_asym_id 
_pdbx_struct_conn_angle.ptnr3_label_comp_id 
_pdbx_struct_conn_angle.ptnr3_label_seq_id 
_pdbx_struct_conn_angle.ptnr3_auth_atom_id 
_pdbx_struct_conn_angle.ptnr3_auth_asym_id 
_pdbx_struct_conn_angle.ptnr3_auth_comp_id 
_pdbx_struct_conn_angle.ptnr3_auth_seq_id 
_pdbx_struct_conn_angle.ptnr3_PDB_ins_code 
_pdbx_struct_conn_angle.ptnr3_symmetry 
_pdbx_struct_conn_angle.value 
_pdbx_struct_conn_angle.value_esd 
1  O6 ? A DG 1  ? A DG 1  ? 1_555 K ? C K . ? A K 102 ? 1_555 O6 ? A DG 2  ? A DG 2  ? 1_555 72.9  ? 
2  O6 ? A DG 1  ? A DG 1  ? 1_555 K ? C K . ? A K 102 ? 1_555 O6 ? A DG 7  ? A DG 7  ? 1_555 63.6  ? 
3  O6 ? A DG 2  ? A DG 2  ? 1_555 K ? C K . ? A K 102 ? 1_555 O6 ? A DG 7  ? A DG 7  ? 1_555 94.3  ? 
4  O6 ? A DG 1  ? A DG 1  ? 1_555 K ? C K . ? A K 102 ? 1_555 O6 ? A DG 8  ? A DG 8  ? 1_555 135.1 ? 
5  O6 ? A DG 2  ? A DG 2  ? 1_555 K ? C K . ? A K 102 ? 1_555 O6 ? A DG 8  ? A DG 8  ? 1_555 80.7  ? 
6  O6 ? A DG 7  ? A DG 7  ? 1_555 K ? C K . ? A K 102 ? 1_555 O6 ? A DG 8  ? A DG 8  ? 1_555 83.4  ? 
7  O6 ? A DG 1  ? A DG 1  ? 1_555 K ? C K . ? A K 102 ? 1_555 O6 ? A DG 13 ? A DG 13 ? 1_555 95.6  ? 
8  O6 ? A DG 2  ? A DG 2  ? 1_555 K ? C K . ? A K 102 ? 1_555 O6 ? A DG 13 ? A DG 13 ? 1_555 152.8 ? 
9  O6 ? A DG 7  ? A DG 7  ? 1_555 K ? C K . ? A K 102 ? 1_555 O6 ? A DG 13 ? A DG 13 ? 1_555 58.7  ? 
10 O6 ? A DG 8  ? A DG 8  ? 1_555 K ? C K . ? A K 102 ? 1_555 O6 ? A DG 13 ? A DG 13 ? 1_555 91.6  ? 
11 O6 ? A DG 1  ? A DG 1  ? 1_555 K ? C K . ? A K 102 ? 1_555 O6 ? A DG 14 ? A DG 14 ? 1_555 155.6 ? 
12 O6 ? A DG 2  ? A DG 2  ? 1_555 K ? C K . ? A K 102 ? 1_555 O6 ? A DG 14 ? A DG 14 ? 1_555 116.8 ? 
13 O6 ? A DG 7  ? A DG 7  ? 1_555 K ? C K . ? A K 102 ? 1_555 O6 ? A DG 14 ? A DG 14 ? 1_555 133.1 ? 
14 O6 ? A DG 8  ? A DG 8  ? 1_555 K ? C K . ? A K 102 ? 1_555 O6 ? A DG 14 ? A DG 14 ? 1_555 69.2  ? 
15 O6 ? A DG 13 ? A DG 13 ? 1_555 K ? C K . ? A K 102 ? 1_555 O6 ? A DG 14 ? A DG 14 ? 1_555 83.9  ? 
16 O6 ? A DG 1  ? A DG 1  ? 1_555 K ? C K . ? A K 102 ? 1_555 O6 ? A DG 19 ? A DG 19 ? 1_555 65.2  ? 
17 O6 ? A DG 2  ? A DG 2  ? 1_555 K ? C K . ? A K 102 ? 1_555 O6 ? A DG 19 ? A DG 19 ? 1_555 127.6 ? 
18 O6 ? A DG 7  ? A DG 7  ? 1_555 K ? C K . ? A K 102 ? 1_555 O6 ? A DG 19 ? A DG 19 ? 1_555 93.9  ? 
19 O6 ? A DG 8  ? A DG 8  ? 1_555 K ? C K . ? A K 102 ? 1_555 O6 ? A DG 19 ? A DG 19 ? 1_555 151.7 ? 
20 O6 ? A DG 13 ? A DG 13 ? 1_555 K ? C K . ? A K 102 ? 1_555 O6 ? A DG 19 ? A DG 19 ? 1_555 63.6  ? 
21 O6 ? A DG 14 ? A DG 14 ? 1_555 K ? C K . ? A K 102 ? 1_555 O6 ? A DG 19 ? A DG 19 ? 1_555 93.3  ? 
22 O6 ? A DG 1  ? A DG 1  ? 1_555 K ? C K . ? A K 102 ? 1_555 O6 ? A DG 20 ? A DG 20 ? 1_555 89.3  ? 
23 O6 ? A DG 2  ? A DG 2  ? 1_555 K ? C K . ? A K 102 ? 1_555 O6 ? A DG 20 ? A DG 20 ? 1_555 70.8  ? 
24 O6 ? A DG 7  ? A DG 7  ? 1_555 K ? C K . ? A K 102 ? 1_555 O6 ? A DG 20 ? A DG 20 ? 1_555 152.2 ? 
25 O6 ? A DG 8  ? A DG 8  ? 1_555 K ? C K . ? A K 102 ? 1_555 O6 ? A DG 20 ? A DG 20 ? 1_555 115.6 ? 
26 O6 ? A DG 13 ? A DG 13 ? 1_555 K ? C K . ? A K 102 ? 1_555 O6 ? A DG 20 ? A DG 20 ? 1_555 134.9 ? 
27 O6 ? A DG 14 ? A DG 14 ? 1_555 K ? C K . ? A K 102 ? 1_555 O6 ? A DG 20 ? A DG 20 ? 1_555 74.5  ? 
28 O6 ? A DG 19 ? A DG 19 ? 1_555 K ? C K . ? A K 102 ? 1_555 O6 ? A DG 20 ? A DG 20 ? 1_555 78.5  ? 
29 O6 ? A DG 1  ? A DG 1  ? 1_555 K ? D K . ? A K 103 ? 1_555 O6 ? A DG 7  ? A DG 7  ? 1_555 63.1  ? 
30 O6 ? A DG 1  ? A DG 1  ? 1_555 K ? D K . ? A K 103 ? 1_555 O6 ? A DG 13 ? A DG 13 ? 1_555 108.5 ? 
31 O6 ? A DG 7  ? A DG 7  ? 1_555 K ? D K . ? A K 103 ? 1_555 O6 ? A DG 13 ? A DG 13 ? 1_555 71.5  ? 
32 O6 ? A DG 1  ? A DG 1  ? 1_555 K ? D K . ? A K 103 ? 1_555 O6 ? A DG 19 ? A DG 19 ? 1_555 64.0  ? 
33 O6 ? A DG 7  ? A DG 7  ? 1_555 K ? D K . ? A K 103 ? 1_555 O6 ? A DG 19 ? A DG 19 ? 1_555 101.7 ? 
34 O6 ? A DG 13 ? A DG 13 ? 1_555 K ? D K . ? A K 103 ? 1_555 O6 ? A DG 19 ? A DG 19 ? 1_555 75.6  ? 
35 O6 ? A DG 2  ? A DG 2  ? 1_555 K ? B K . ? A K 101 ? 1_555 O6 ? A DG 3  ? A DG 3  ? 1_555 66.5  ? 
36 O6 ? A DG 2  ? A DG 2  ? 1_555 K ? B K . ? A K 101 ? 1_555 O6 ? A DG 8  ? A DG 8  ? 1_555 69.1  ? 
37 O6 ? A DG 3  ? A DG 3  ? 1_555 K ? B K . ? A K 101 ? 1_555 O6 ? A DG 8  ? A DG 8  ? 1_555 90.1  ? 
38 O6 ? A DG 2  ? A DG 2  ? 1_555 K ? B K . ? A K 101 ? 1_555 O6 ? A DG 9  ? A DG 9  ? 1_555 123.4 ? 
39 O6 ? A DG 3  ? A DG 3  ? 1_555 K ? B K . ? A K 101 ? 1_555 O6 ? A DG 9  ? A DG 9  ? 1_555 80.6  ? 
40 O6 ? A DG 8  ? A DG 8  ? 1_555 K ? B K . ? A K 101 ? 1_555 O6 ? A DG 9  ? A DG 9  ? 1_555 66.3  ? 
41 O6 ? A DG 2  ? A DG 2  ? 1_555 K ? B K . ? A K 101 ? 1_555 O6 ? A DG 14 ? A DG 14 ? 1_555 99.6  ? 
42 O6 ? A DG 3  ? A DG 3  ? 1_555 K ? B K . ? A K 101 ? 1_555 O6 ? A DG 14 ? A DG 14 ? 1_555 148.3 ? 
43 O6 ? A DG 8  ? A DG 8  ? 1_555 K ? B K . ? A K 101 ? 1_555 O6 ? A DG 14 ? A DG 14 ? 1_555 58.2  ? 
44 O6 ? A DG 9  ? A DG 9  ? 1_555 K ? B K . ? A K 101 ? 1_555 O6 ? A DG 14 ? A DG 14 ? 1_555 85.0  ? 
45 O6 ? A DG 2  ? A DG 2  ? 1_555 K ? B K . ? A K 101 ? 1_555 O6 ? A DG 15 ? A DG 15 ? 1_555 154.8 ? 
46 O6 ? A DG 3  ? A DG 3  ? 1_555 K ? B K . ? A K 101 ? 1_555 O6 ? A DG 15 ? A DG 15 ? 1_555 137.7 ? 
47 O6 ? A DG 8  ? A DG 8  ? 1_555 K ? B K . ? A K 101 ? 1_555 O6 ? A DG 15 ? A DG 15 ? 1_555 110.6 ? 
48 O6 ? A DG 9  ? A DG 9  ? 1_555 K ? B K . ? A K 101 ? 1_555 O6 ? A DG 15 ? A DG 15 ? 1_555 75.4  ? 
49 O6 ? A DG 14 ? A DG 14 ? 1_555 K ? B K . ? A K 101 ? 1_555 O6 ? A DG 15 ? A DG 15 ? 1_555 63.0  ? 
50 O6 ? A DG 2  ? A DG 2  ? 1_555 K ? B K . ? A K 101 ? 1_555 O6 ? A DG 20 ? A DG 20 ? 1_555 65.4  ? 
51 O6 ? A DG 3  ? A DG 3  ? 1_555 K ? B K . ? A K 101 ? 1_555 O6 ? A DG 20 ? A DG 20 ? 1_555 124.4 ? 
52 O6 ? A DG 8  ? A DG 8  ? 1_555 K ? B K . ? A K 101 ? 1_555 O6 ? A DG 20 ? A DG 20 ? 1_555 97.4  ? 
53 O6 ? A DG 9  ? A DG 9  ? 1_555 K ? B K . ? A K 101 ? 1_555 O6 ? A DG 20 ? A DG 20 ? 1_555 151.6 ? 
54 O6 ? A DG 14 ? A DG 14 ? 1_555 K ? B K . ? A K 101 ? 1_555 O6 ? A DG 20 ? A DG 20 ? 1_555 66.6  ? 
55 O6 ? A DG 15 ? A DG 15 ? 1_555 K ? B K . ? A K 101 ? 1_555 O6 ? A DG 20 ? A DG 20 ? 1_555 90.1  ? 
56 O6 ? A DG 2  ? A DG 2  ? 1_555 K ? B K . ? A K 101 ? 1_555 O6 ? A DG 21 ? A DG 21 ? 1_555 91.6  ? 
57 O6 ? A DG 3  ? A DG 3  ? 1_555 K ? B K . ? A K 101 ? 1_555 O6 ? A DG 21 ? A DG 21 ? 1_555 83.2  ? 
58 O6 ? A DG 8  ? A DG 8  ? 1_555 K ? B K . ? A K 101 ? 1_555 O6 ? A DG 21 ? A DG 21 ? 1_555 160.6 ? 
59 O6 ? A DG 9  ? A DG 9  ? 1_555 K ? B K . ? A K 101 ? 1_555 O6 ? A DG 21 ? A DG 21 ? 1_555 129.8 ? 
60 O6 ? A DG 14 ? A DG 14 ? 1_555 K ? B K . ? A K 101 ? 1_555 O6 ? A DG 21 ? A DG 21 ? 1_555 126.9 ? 
61 O6 ? A DG 15 ? A DG 15 ? 1_555 K ? B K . ? A K 101 ? 1_555 O6 ? A DG 21 ? A DG 21 ? 1_555 86.1  ? 
62 O6 ? A DG 20 ? A DG 20 ? 1_555 K ? B K . ? A K 101 ? 1_555 O6 ? A DG 21 ? A DG 21 ? 1_555 71.9  ? 
# 
loop_
_pdbx_audit_revision_history.ordinal 
_pdbx_audit_revision_history.data_content_type 
_pdbx_audit_revision_history.major_revision 
_pdbx_audit_revision_history.minor_revision 
_pdbx_audit_revision_history.revision_date 
1 'Structure model' 1 0 2013-01-16 
2 'Structure model' 1 1 2013-04-03 
3 'Structure model' 1 2 2013-04-24 
4 'Structure model' 1 3 2023-09-13 
# 
_pdbx_audit_revision_details.ordinal             1 
_pdbx_audit_revision_details.revision_ordinal    1 
_pdbx_audit_revision_details.data_content_type   'Structure model' 
_pdbx_audit_revision_details.provider            repository 
_pdbx_audit_revision_details.type                'Initial release' 
_pdbx_audit_revision_details.description         ? 
_pdbx_audit_revision_details.details             ? 
# 
loop_
_pdbx_audit_revision_group.ordinal 
_pdbx_audit_revision_group.revision_ordinal 
_pdbx_audit_revision_group.data_content_type 
_pdbx_audit_revision_group.group 
1 2 'Structure model' 'Database references'    
2 3 'Structure model' 'Database references'    
3 4 'Structure model' 'Data collection'        
4 4 'Structure model' 'Database references'    
5 4 'Structure model' 'Derived calculations'   
6 4 'Structure model' 'Refinement description' 
# 
loop_
_pdbx_audit_revision_category.ordinal 
_pdbx_audit_revision_category.revision_ordinal 
_pdbx_audit_revision_category.data_content_type 
_pdbx_audit_revision_category.category 
1 4 'Structure model' chem_comp_atom                
2 4 'Structure model' chem_comp_bond                
3 4 'Structure model' database_2                    
4 4 'Structure model' pdbx_initial_refinement_model 
5 4 'Structure model' pdbx_struct_conn_angle        
6 4 'Structure model' struct_conn                   
7 4 'Structure model' struct_site                   
# 
loop_
_pdbx_audit_revision_item.ordinal 
_pdbx_audit_revision_item.revision_ordinal 
_pdbx_audit_revision_item.data_content_type 
_pdbx_audit_revision_item.item 
1  4 'Structure model' '_database_2.pdbx_DOI'                       
2  4 'Structure model' '_database_2.pdbx_database_accession'        
3  4 'Structure model' '_pdbx_struct_conn_angle.ptnr1_auth_seq_id'  
4  4 'Structure model' '_pdbx_struct_conn_angle.ptnr1_label_seq_id' 
5  4 'Structure model' '_pdbx_struct_conn_angle.ptnr3_auth_seq_id'  
6  4 'Structure model' '_pdbx_struct_conn_angle.ptnr3_label_seq_id' 
7  4 'Structure model' '_pdbx_struct_conn_angle.value'              
8  4 'Structure model' '_struct_conn.pdbx_dist_value'               
9  4 'Structure model' '_struct_conn.ptnr1_auth_seq_id'             
10 4 'Structure model' '_struct_conn.ptnr1_label_seq_id'            
11 4 'Structure model' '_struct_conn.ptnr2_auth_seq_id'             
12 4 'Structure model' '_struct_conn.ptnr2_label_asym_id'           
13 4 'Structure model' '_struct_site.pdbx_auth_asym_id'             
14 4 'Structure model' '_struct_site.pdbx_auth_comp_id'             
15 4 'Structure model' '_struct_site.pdbx_auth_seq_id'              
# 
loop_
_software.name 
_software.classification 
_software.version 
_software.citation_id 
_software.pdbx_ordinal 
DNA    'data collection' .        ? 1 
PHASER phasing           .        ? 2 
REFMAC refinement        5.6.0117 ? 3 
xia2   'data reduction'  .        ? 4 
SCALA  'data scaling'    .        ? 5 
# 
_pdbx_validate_rmsd_angle.id                         1 
_pdbx_validate_rmsd_angle.PDB_model_num              1 
_pdbx_validate_rmsd_angle.auth_atom_id_1             "C3'" 
_pdbx_validate_rmsd_angle.auth_asym_id_1             A 
_pdbx_validate_rmsd_angle.auth_comp_id_1             DT 
_pdbx_validate_rmsd_angle.auth_seq_id_1              10 
_pdbx_validate_rmsd_angle.PDB_ins_code_1             ? 
_pdbx_validate_rmsd_angle.label_alt_id_1             ? 
_pdbx_validate_rmsd_angle.auth_atom_id_2             "O3'" 
_pdbx_validate_rmsd_angle.auth_asym_id_2             A 
_pdbx_validate_rmsd_angle.auth_comp_id_2             DT 
_pdbx_validate_rmsd_angle.auth_seq_id_2              10 
_pdbx_validate_rmsd_angle.PDB_ins_code_2             ? 
_pdbx_validate_rmsd_angle.label_alt_id_2             ? 
_pdbx_validate_rmsd_angle.auth_atom_id_3             P 
_pdbx_validate_rmsd_angle.auth_asym_id_3             A 
_pdbx_validate_rmsd_angle.auth_comp_id_3             DT 
_pdbx_validate_rmsd_angle.auth_seq_id_3              11 
_pdbx_validate_rmsd_angle.PDB_ins_code_3             ? 
_pdbx_validate_rmsd_angle.label_alt_id_3             ? 
_pdbx_validate_rmsd_angle.angle_value                128.69 
_pdbx_validate_rmsd_angle.angle_target_value         119.70 
_pdbx_validate_rmsd_angle.angle_deviation            8.99 
_pdbx_validate_rmsd_angle.angle_standard_deviation   1.20 
_pdbx_validate_rmsd_angle.linker_flag                Y 
# 
loop_
_chem_comp_atom.comp_id 
_chem_comp_atom.atom_id 
_chem_comp_atom.type_symbol 
_chem_comp_atom.pdbx_aromatic_flag 
_chem_comp_atom.pdbx_stereo_config 
_chem_comp_atom.pdbx_ordinal 
DA  OP3    O N N 1   
DA  P      P N N 2   
DA  OP1    O N N 3   
DA  OP2    O N N 4   
DA  "O5'"  O N N 5   
DA  "C5'"  C N N 6   
DA  "C4'"  C N R 7   
DA  "O4'"  O N N 8   
DA  "C3'"  C N S 9   
DA  "O3'"  O N N 10  
DA  "C2'"  C N N 11  
DA  "C1'"  C N R 12  
DA  N9     N Y N 13  
DA  C8     C Y N 14  
DA  N7     N Y N 15  
DA  C5     C Y N 16  
DA  C6     C Y N 17  
DA  N6     N N N 18  
DA  N1     N Y N 19  
DA  C2     C Y N 20  
DA  N3     N Y N 21  
DA  C4     C Y N 22  
DA  HOP3   H N N 23  
DA  HOP2   H N N 24  
DA  "H5'"  H N N 25  
DA  "H5''" H N N 26  
DA  "H4'"  H N N 27  
DA  "H3'"  H N N 28  
DA  "HO3'" H N N 29  
DA  "H2'"  H N N 30  
DA  "H2''" H N N 31  
DA  "H1'"  H N N 32  
DA  H8     H N N 33  
DA  H61    H N N 34  
DA  H62    H N N 35  
DA  H2     H N N 36  
DG  OP3    O N N 37  
DG  P      P N N 38  
DG  OP1    O N N 39  
DG  OP2    O N N 40  
DG  "O5'"  O N N 41  
DG  "C5'"  C N N 42  
DG  "C4'"  C N R 43  
DG  "O4'"  O N N 44  
DG  "C3'"  C N S 45  
DG  "O3'"  O N N 46  
DG  "C2'"  C N N 47  
DG  "C1'"  C N R 48  
DG  N9     N Y N 49  
DG  C8     C Y N 50  
DG  N7     N Y N 51  
DG  C5     C Y N 52  
DG  C6     C N N 53  
DG  O6     O N N 54  
DG  N1     N N N 55  
DG  C2     C N N 56  
DG  N2     N N N 57  
DG  N3     N N N 58  
DG  C4     C Y N 59  
DG  HOP3   H N N 60  
DG  HOP2   H N N 61  
DG  "H5'"  H N N 62  
DG  "H5''" H N N 63  
DG  "H4'"  H N N 64  
DG  "H3'"  H N N 65  
DG  "HO3'" H N N 66  
DG  "H2'"  H N N 67  
DG  "H2''" H N N 68  
DG  "H1'"  H N N 69  
DG  H8     H N N 70  
DG  H1     H N N 71  
DG  H21    H N N 72  
DG  H22    H N N 73  
DT  OP3    O N N 74  
DT  P      P N N 75  
DT  OP1    O N N 76  
DT  OP2    O N N 77  
DT  "O5'"  O N N 78  
DT  "C5'"  C N N 79  
DT  "C4'"  C N R 80  
DT  "O4'"  O N N 81  
DT  "C3'"  C N S 82  
DT  "O3'"  O N N 83  
DT  "C2'"  C N N 84  
DT  "C1'"  C N R 85  
DT  N1     N N N 86  
DT  C2     C N N 87  
DT  O2     O N N 88  
DT  N3     N N N 89  
DT  C4     C N N 90  
DT  O4     O N N 91  
DT  C5     C N N 92  
DT  C7     C N N 93  
DT  C6     C N N 94  
DT  HOP3   H N N 95  
DT  HOP2   H N N 96  
DT  "H5'"  H N N 97  
DT  "H5''" H N N 98  
DT  "H4'"  H N N 99  
DT  "H3'"  H N N 100 
DT  "HO3'" H N N 101 
DT  "H2'"  H N N 102 
DT  "H2''" H N N 103 
DT  "H1'"  H N N 104 
DT  H3     H N N 105 
DT  H71    H N N 106 
DT  H72    H N N 107 
DT  H73    H N N 108 
DT  H6     H N N 109 
HOH O      O N N 110 
HOH H1     H N N 111 
HOH H2     H N N 112 
K   K      K N N 113 
R8G CAA    C N N 114 
R8G CAB    C N N 115 
R8G CAC    C N N 116 
R8G CAD    C N N 117 
R8G OAE    O N N 118 
R8G OAF    O N N 119 
R8G OAG    O N N 120 
R8G OAH    O N N 121 
R8G CAI    C Y N 122 
R8G CAJ    C Y N 123 
R8G CAK    C N N 124 
R8G CAL    C N N 125 
R8G CAM    C N N 126 
R8G CAN    C N N 127 
R8G CAO    C N N 128 
R8G CAP    C N N 129 
R8G CAQ    C N N 130 
R8G CAR    C N N 131 
R8G CAS    C N N 132 
R8G CAT    C N N 133 
R8G CAU    C N N 134 
R8G CAV    C N N 135 
R8G CAW    C N N 136 
R8G CAX    C N N 137 
R8G CAY    C N N 138 
R8G CAZ    C N N 139 
R8G CBA    C N N 140 
R8G CBB    C N N 141 
R8G CBC    C N N 142 
R8G CBD    C N N 143 
R8G CBE    C N N 144 
R8G CBF    C N N 145 
R8G CBG    C N N 146 
R8G CBH    C N N 147 
R8G CBI    C N N 148 
R8G CBJ    C N N 149 
R8G CBK    C N N 150 
R8G CBL    C N N 151 
R8G NBM    N N N 152 
R8G NBN    N N N 153 
R8G CBO    C Y N 154 
R8G CBP    C Y N 155 
R8G CBQ    C N N 156 
R8G CBR    C N N 157 
R8G CBS    C N N 158 
R8G CBT    C N N 159 
R8G CBU    C Y N 160 
R8G CBV    C Y N 161 
R8G CBW    C Y N 162 
R8G CBX    C Y N 163 
R8G CBY    C Y N 164 
R8G CBZ    C Y N 165 
R8G NCA    N N N 166 
R8G NCB    N N N 167 
R8G NCC    N N N 168 
R8G NCD    N N N 169 
R8G NCE    N N N 170 
R8G NCF    N N N 171 
R8G NCG    N N N 172 
R8G NCH    N N N 173 
R8G NCI    N N N 174 
R8G NCJ    N N N 175 
R8G H1     H N N 176 
R8G H2     H N N 177 
R8G H3     H N N 178 
R8G H4     H N N 179 
R8G H5     H N N 180 
R8G H6     H N N 181 
R8G H7     H N N 182 
R8G H8     H N N 183 
R8G H9     H N N 184 
R8G H10    H N N 185 
R8G H11    H N N 186 
R8G H12    H N N 187 
R8G H13    H N N 188 
R8G H14    H N N 189 
R8G H15    H N N 190 
R8G H16    H N N 191 
R8G H17    H N N 192 
R8G H18    H N N 193 
R8G H19    H N N 194 
R8G H20    H N N 195 
R8G H21    H N N 196 
R8G H22    H N N 197 
R8G H23    H N N 198 
R8G H24    H N N 199 
R8G H25    H N N 200 
R8G H26    H N N 201 
R8G H27    H N N 202 
R8G H28    H N N 203 
R8G H29    H N N 204 
R8G H30    H N N 205 
R8G H31    H N N 206 
R8G H32    H N N 207 
R8G H33    H N N 208 
R8G H34    H N N 209 
R8G H35    H N N 210 
R8G H36    H N N 211 
R8G H37    H N N 212 
R8G H38    H N N 213 
R8G H39    H N N 214 
R8G H40    H N N 215 
R8G H41    H N N 216 
R8G H42    H N N 217 
R8G H43    H N N 218 
R8G H44    H N N 219 
R8G H45    H N N 220 
R8G H46    H N N 221 
R8G H47    H N N 222 
R8G H48    H N N 223 
R8G H49    H N N 224 
R8G H50    H N N 225 
R8G H51    H N N 226 
R8G H52    H N N 227 
R8G H53    H N N 228 
R8G H54    H N N 229 
R8G H55    H N N 230 
R8G H56    H N N 231 
R8G H57    H N N 232 
R8G H58    H N N 233 
R8G H59    H N N 234 
R8G H60    H N N 235 
R8G H61    H N N 236 
R8G H62    H N N 237 
R8G H63    H N N 238 
R8G H64    H N N 239 
R8G H65    H N N 240 
R8G H66    H N N 241 
R8G H67    H N N 242 
R8G H68    H N N 243 
R8G H69    H N N 244 
R8G H70    H N N 245 
R8G H71    H N N 246 
R8G H72    H N N 247 
# 
loop_
_chem_comp_bond.comp_id 
_chem_comp_bond.atom_id_1 
_chem_comp_bond.atom_id_2 
_chem_comp_bond.value_order 
_chem_comp_bond.pdbx_aromatic_flag 
_chem_comp_bond.pdbx_stereo_config 
_chem_comp_bond.pdbx_ordinal 
DA  OP3   P      sing N N 1   
DA  OP3   HOP3   sing N N 2   
DA  P     OP1    doub N N 3   
DA  P     OP2    sing N N 4   
DA  P     "O5'"  sing N N 5   
DA  OP2   HOP2   sing N N 6   
DA  "O5'" "C5'"  sing N N 7   
DA  "C5'" "C4'"  sing N N 8   
DA  "C5'" "H5'"  sing N N 9   
DA  "C5'" "H5''" sing N N 10  
DA  "C4'" "O4'"  sing N N 11  
DA  "C4'" "C3'"  sing N N 12  
DA  "C4'" "H4'"  sing N N 13  
DA  "O4'" "C1'"  sing N N 14  
DA  "C3'" "O3'"  sing N N 15  
DA  "C3'" "C2'"  sing N N 16  
DA  "C3'" "H3'"  sing N N 17  
DA  "O3'" "HO3'" sing N N 18  
DA  "C2'" "C1'"  sing N N 19  
DA  "C2'" "H2'"  sing N N 20  
DA  "C2'" "H2''" sing N N 21  
DA  "C1'" N9     sing N N 22  
DA  "C1'" "H1'"  sing N N 23  
DA  N9    C8     sing Y N 24  
DA  N9    C4     sing Y N 25  
DA  C8    N7     doub Y N 26  
DA  C8    H8     sing N N 27  
DA  N7    C5     sing Y N 28  
DA  C5    C6     sing Y N 29  
DA  C5    C4     doub Y N 30  
DA  C6    N6     sing N N 31  
DA  C6    N1     doub Y N 32  
DA  N6    H61    sing N N 33  
DA  N6    H62    sing N N 34  
DA  N1    C2     sing Y N 35  
DA  C2    N3     doub Y N 36  
DA  C2    H2     sing N N 37  
DA  N3    C4     sing Y N 38  
DG  OP3   P      sing N N 39  
DG  OP3   HOP3   sing N N 40  
DG  P     OP1    doub N N 41  
DG  P     OP2    sing N N 42  
DG  P     "O5'"  sing N N 43  
DG  OP2   HOP2   sing N N 44  
DG  "O5'" "C5'"  sing N N 45  
DG  "C5'" "C4'"  sing N N 46  
DG  "C5'" "H5'"  sing N N 47  
DG  "C5'" "H5''" sing N N 48  
DG  "C4'" "O4'"  sing N N 49  
DG  "C4'" "C3'"  sing N N 50  
DG  "C4'" "H4'"  sing N N 51  
DG  "O4'" "C1'"  sing N N 52  
DG  "C3'" "O3'"  sing N N 53  
DG  "C3'" "C2'"  sing N N 54  
DG  "C3'" "H3'"  sing N N 55  
DG  "O3'" "HO3'" sing N N 56  
DG  "C2'" "C1'"  sing N N 57  
DG  "C2'" "H2'"  sing N N 58  
DG  "C2'" "H2''" sing N N 59  
DG  "C1'" N9     sing N N 60  
DG  "C1'" "H1'"  sing N N 61  
DG  N9    C8     sing Y N 62  
DG  N9    C4     sing Y N 63  
DG  C8    N7     doub Y N 64  
DG  C8    H8     sing N N 65  
DG  N7    C5     sing Y N 66  
DG  C5    C6     sing N N 67  
DG  C5    C4     doub Y N 68  
DG  C6    O6     doub N N 69  
DG  C6    N1     sing N N 70  
DG  N1    C2     sing N N 71  
DG  N1    H1     sing N N 72  
DG  C2    N2     sing N N 73  
DG  C2    N3     doub N N 74  
DG  N2    H21    sing N N 75  
DG  N2    H22    sing N N 76  
DG  N3    C4     sing N N 77  
DT  OP3   P      sing N N 78  
DT  OP3   HOP3   sing N N 79  
DT  P     OP1    doub N N 80  
DT  P     OP2    sing N N 81  
DT  P     "O5'"  sing N N 82  
DT  OP2   HOP2   sing N N 83  
DT  "O5'" "C5'"  sing N N 84  
DT  "C5'" "C4'"  sing N N 85  
DT  "C5'" "H5'"  sing N N 86  
DT  "C5'" "H5''" sing N N 87  
DT  "C4'" "O4'"  sing N N 88  
DT  "C4'" "C3'"  sing N N 89  
DT  "C4'" "H4'"  sing N N 90  
DT  "O4'" "C1'"  sing N N 91  
DT  "C3'" "O3'"  sing N N 92  
DT  "C3'" "C2'"  sing N N 93  
DT  "C3'" "H3'"  sing N N 94  
DT  "O3'" "HO3'" sing N N 95  
DT  "C2'" "C1'"  sing N N 96  
DT  "C2'" "H2'"  sing N N 97  
DT  "C2'" "H2''" sing N N 98  
DT  "C1'" N1     sing N N 99  
DT  "C1'" "H1'"  sing N N 100 
DT  N1    C2     sing N N 101 
DT  N1    C6     sing N N 102 
DT  C2    O2     doub N N 103 
DT  C2    N3     sing N N 104 
DT  N3    C4     sing N N 105 
DT  N3    H3     sing N N 106 
DT  C4    O4     doub N N 107 
DT  C4    C5     sing N N 108 
DT  C5    C7     sing N N 109 
DT  C5    C6     doub N N 110 
DT  C7    H71    sing N N 111 
DT  C7    H72    sing N N 112 
DT  C7    H73    sing N N 113 
DT  C6    H6     sing N N 114 
HOH O     H1     sing N N 115 
HOH O     H2     sing N N 116 
R8G CAB   NCB    sing N N 117 
R8G NCB   CAX    sing N N 118 
R8G NCB   CAW    sing N N 119 
R8G CAX   CBF    sing N N 120 
R8G CAW   CBE    sing N N 121 
R8G CBF   NCF    sing N N 122 
R8G CBE   NCF    sing N N 123 
R8G NCF   CAR    sing N N 124 
R8G CAR   CAL    sing N N 125 
R8G CAL   CAP    sing N N 126 
R8G CAP   NBN    sing N N 127 
R8G CBA   CBI    sing N N 128 
R8G CBA   NCD    sing N N 129 
R8G CAD   NCD    sing N N 130 
R8G CBI   NCH    sing N N 131 
R8G NBN   CBP    sing N N 132 
R8G NCD   CBB    sing N N 133 
R8G OAH   CBT    doub N N 134 
R8G CBP   CAI    doub Y N 135 
R8G CBP   CBX    sing Y N 136 
R8G CAI   CBU    sing Y N 137 
R8G NCH   CAT    sing N N 138 
R8G NCH   CBJ    sing N N 139 
R8G CBB   CBJ    sing N N 140 
R8G OAE   CBQ    doub N N 141 
R8G CBT   CBX    sing N N 142 
R8G CBT   NCJ    sing N N 143 
R8G CBX   CBZ    doub Y N 144 
R8G CAN   CAT    sing N N 145 
R8G CAN   CBL    sing N N 146 
R8G CBU   CBQ    sing N N 147 
R8G CBU   CBY    doub Y N 148 
R8G CBQ   NCI    sing N N 149 
R8G CBL   NCJ    sing N N 150 
R8G NCJ   CBR    sing N N 151 
R8G CBZ   CBY    sing Y N 152 
R8G CBZ   CBV    sing Y N 153 
R8G CBY   CBW    sing Y N 154 
R8G NCI   CBK    sing N N 155 
R8G NCI   CBS    sing N N 156 
R8G CBK   CAM    sing N N 157 
R8G CAM   CAS    sing N N 158 
R8G CBR   CBV    sing N N 159 
R8G CBR   OAF    doub N N 160 
R8G CBV   CAJ    doub Y N 161 
R8G CBW   CBS    sing N N 162 
R8G CBW   CBO    doub Y N 163 
R8G CBS   OAG    doub N N 164 
R8G CAJ   CBO    sing Y N 165 
R8G CAS   NCG    sing N N 166 
R8G NCG   CBG    sing N N 167 
R8G NCG   CBH    sing N N 168 
R8G CBO   NBM    sing N N 169 
R8G CAZ   CBH    sing N N 170 
R8G CAZ   NCC    sing N N 171 
R8G CAY   CBG    sing N N 172 
R8G CAY   NCC    sing N N 173 
R8G NCC   CAC    sing N N 174 
R8G NBM   CAO    sing N N 175 
R8G CAO   CAK    sing N N 176 
R8G CAK   CAQ    sing N N 177 
R8G CAQ   NCE    sing N N 178 
R8G CBC   NCE    sing N N 179 
R8G CBC   CAU    sing N N 180 
R8G NCE   CBD    sing N N 181 
R8G CAU   NCA    sing N N 182 
R8G NCA   CAA    sing N N 183 
R8G NCA   CAV    sing N N 184 
R8G CBD   CAV    sing N N 185 
R8G CAA   H1     sing N N 186 
R8G CAA   H2     sing N N 187 
R8G CAA   H3     sing N N 188 
R8G CAB   H4     sing N N 189 
R8G CAB   H5     sing N N 190 
R8G CAB   H6     sing N N 191 
R8G CAC   H7     sing N N 192 
R8G CAC   H8     sing N N 193 
R8G CAC   H9     sing N N 194 
R8G CAD   H10    sing N N 195 
R8G CAD   H11    sing N N 196 
R8G CAD   H12    sing N N 197 
R8G CAI   H13    sing N N 198 
R8G CAJ   H14    sing N N 199 
R8G CAK   H15    sing N N 200 
R8G CAK   H16    sing N N 201 
R8G CAL   H17    sing N N 202 
R8G CAL   H18    sing N N 203 
R8G CAM   H19    sing N N 204 
R8G CAM   H20    sing N N 205 
R8G CAN   H21    sing N N 206 
R8G CAN   H22    sing N N 207 
R8G CAO   H23    sing N N 208 
R8G CAO   H24    sing N N 209 
R8G CAP   H25    sing N N 210 
R8G CAP   H26    sing N N 211 
R8G CAQ   H27    sing N N 212 
R8G CAQ   H28    sing N N 213 
R8G CAR   H29    sing N N 214 
R8G CAR   H30    sing N N 215 
R8G CAS   H31    sing N N 216 
R8G CAS   H32    sing N N 217 
R8G CAT   H33    sing N N 218 
R8G CAT   H34    sing N N 219 
R8G CAU   H35    sing N N 220 
R8G CAU   H36    sing N N 221 
R8G CAV   H37    sing N N 222 
R8G CAV   H38    sing N N 223 
R8G CAW   H39    sing N N 224 
R8G CAW   H40    sing N N 225 
R8G CAX   H41    sing N N 226 
R8G CAX   H42    sing N N 227 
R8G CAY   H43    sing N N 228 
R8G CAY   H44    sing N N 229 
R8G CAZ   H45    sing N N 230 
R8G CAZ   H46    sing N N 231 
R8G CBA   H47    sing N N 232 
R8G CBA   H48    sing N N 233 
R8G CBB   H49    sing N N 234 
R8G CBB   H50    sing N N 235 
R8G CBC   H51    sing N N 236 
R8G CBC   H52    sing N N 237 
R8G CBD   H53    sing N N 238 
R8G CBD   H54    sing N N 239 
R8G CBE   H55    sing N N 240 
R8G CBE   H56    sing N N 241 
R8G CBF   H57    sing N N 242 
R8G CBF   H58    sing N N 243 
R8G CBG   H59    sing N N 244 
R8G CBG   H60    sing N N 245 
R8G CBH   H61    sing N N 246 
R8G CBH   H62    sing N N 247 
R8G CBI   H63    sing N N 248 
R8G CBI   H64    sing N N 249 
R8G CBJ   H65    sing N N 250 
R8G CBJ   H66    sing N N 251 
R8G CBK   H67    sing N N 252 
R8G CBK   H68    sing N N 253 
R8G CBL   H69    sing N N 254 
R8G CBL   H70    sing N N 255 
R8G NBM   H71    sing N N 256 
R8G NBN   H72    sing N N 257 
# 
_ndb_struct_conf_na.entry_id   4DAQ 
_ndb_struct_conf_na.feature    'quadruple helix' 
# 
loop_
_pdbx_entity_nonpoly.entity_id 
_pdbx_entity_nonpoly.name 
_pdbx_entity_nonpoly.comp_id 
2 'POTASSIUM ION' K   
3 
;2,7-bis[3-(4-methylpiperazin-1-yl)propyl]-4,9-bis{[3-(4-methylpiperazin-1-yl)propyl]amino}benzo[lmn][3,8]phenanthroline-1,3,6,8(2H,7H)-tetrone
;
R8G 
4 water HOH 
# 
_pdbx_initial_refinement_model.id               1 
_pdbx_initial_refinement_model.entity_id_list   ? 
_pdbx_initial_refinement_model.type             'experimental model' 
_pdbx_initial_refinement_model.source_name      PDB 
_pdbx_initial_refinement_model.accession_code   3SC8 
_pdbx_initial_refinement_model.details          'PDB ENTRY 3SC8' 
# 
